data_9I4V
#
_entry.id   9I4V
#
_cell.length_a   59.305
_cell.length_b   70.687
_cell.length_c   86.225
_cell.angle_alpha   103.70
_cell.angle_beta   95.24
_cell.angle_gamma   112.12
#
_symmetry.space_group_name_H-M   'P 1'
#
loop_
_entity.id
_entity.type
_entity.pdbx_description
1 polymer 'SARS-CoV-2 helicase NSP13'
2 non-polymer 'ZINC ION'
3 non-polymer 'PHOSPHATE ION'
4 non-polymer '3[N-MORPHOLINO]PROPANE SULFONIC ACID'
5 water water
#
_entity_poly.entity_id   1
_entity_poly.type   'polypeptide(L)'
_entity_poly.pdbx_seq_one_letter_code
;SMAVGACVLCNSQTSLRCGACIRRPFLCCKCCYDHVISTSHKLVLSVNPYVCNAPGCDVTDVTQLYLGGMSYYCKSHKPP
ISFPLCANGQVFGLYKNTCVGSDNVTDFNAIATCDWTNAGDYILANTCTERLKLFAAETLKATEETFKLSYGIATVREVL
SDRELHLSWEVGKPRPPLNRNYVFTGYRVTKNSKVQIGEYTFEKGDYGDAVVYRGTTTYKLNVGDYFVLTSHTVMPLSAP
TLVPQEHYVRITGLYPTLNISDEFSSNVANYQKVGMQKYSTLQGPPGTGKSHFAIGLALYYPSARIVYTACSHAAVDALC
EKALKYLPIDKCSRIIPARARVECFDKFKVNSTLEQYVFCTVNALPETTADIVVFDEISMATNYDLSVVNARLRAKHYVY
IGDPAQLPAPRTLLTKGTLEPEYFNSVCRLMKTIGPDMFLGTCRRCPAEIVDTVSALVYDNKLKAHKDKSAQCFKMFYKG
VITHDVSSAINRPQIGVVREFLTRNPAWRKAVFISPYNSQNAVASKILGLPTQTVDSSQGSEYDYVIFTQTTETAHSCNV
NRFNVAITRAKVGILCIMSDRDLYDKLQFTSLEIPRRNVATLQ
;
_entity_poly.pdbx_strand_id   A,B
#
loop_
_chem_comp.id
_chem_comp.type
_chem_comp.name
_chem_comp.formula
MPO non-polymer '3[N-MORPHOLINO]PROPANE SULFONIC ACID' 'C7 H15 N O4 S'
PO4 non-polymer 'PHOSPHATE ION' 'O4 P -3'
ZN non-polymer 'ZINC ION' 'Zn 2'
#
# COMPACT_ATOMS: atom_id res chain seq x y z
N ALA A 3 26.90 -8.04 -3.82
CA ALA A 3 27.38 -8.86 -2.71
C ALA A 3 28.52 -8.17 -1.98
N VAL A 4 28.53 -6.84 -2.04
CA VAL A 4 29.52 -6.00 -1.40
C VAL A 4 28.78 -5.05 -0.45
N GLY A 5 29.23 -4.99 0.79
CA GLY A 5 28.56 -4.18 1.78
C GLY A 5 29.45 -3.85 2.95
N ALA A 6 28.81 -3.43 4.04
CA ALA A 6 29.47 -2.96 5.25
C ALA A 6 29.32 -3.99 6.36
N CYS A 7 30.39 -4.20 7.13
CA CYS A 7 30.31 -5.20 8.18
C CYS A 7 29.32 -4.72 9.23
N VAL A 8 28.49 -5.66 9.70
CA VAL A 8 27.46 -5.33 10.67
C VAL A 8 27.98 -4.97 12.06
N LEU A 9 29.28 -5.07 12.27
CA LEU A 9 29.84 -4.77 13.57
C LEU A 9 30.82 -3.62 13.54
N CYS A 10 31.53 -3.48 12.44
CA CYS A 10 32.58 -2.50 12.28
C CYS A 10 32.41 -1.62 11.07
N ASN A 11 31.39 -1.82 10.25
CA ASN A 11 31.11 -0.99 9.09
C ASN A 11 32.26 -1.03 8.10
N SER A 12 33.23 -1.93 8.31
CA SER A 12 34.36 -1.99 7.41
C SER A 12 33.83 -2.75 6.21
N GLN A 13 34.07 -2.23 5.02
CA GLN A 13 33.50 -2.84 3.83
C GLN A 13 34.03 -4.25 3.64
N THR A 14 33.20 -5.13 3.10
CA THR A 14 33.57 -6.51 2.88
C THR A 14 32.71 -7.14 1.79
N SER A 15 33.17 -8.31 1.31
CA SER A 15 32.44 -9.10 0.32
C SER A 15 32.01 -10.47 0.87
N LEU A 16 32.00 -10.64 2.19
CA LEU A 16 31.71 -11.91 2.82
C LEU A 16 30.39 -11.81 3.58
N ARG A 17 29.58 -12.87 3.47
CA ARG A 17 28.36 -13.01 4.25
C ARG A 17 28.37 -14.36 4.93
N CYS A 18 27.57 -14.49 5.99
CA CYS A 18 27.42 -15.76 6.68
C CYS A 18 26.18 -16.48 6.15
N GLY A 19 26.40 -17.60 5.46
CA GLY A 19 25.29 -18.37 4.94
C GLY A 19 24.51 -19.12 6.00
N ALA A 20 25.09 -19.28 7.19
CA ALA A 20 24.39 -20.01 8.26
C ALA A 20 23.43 -19.12 9.03
N CYS A 21 23.75 -17.83 9.20
CA CYS A 21 22.81 -16.92 9.84
C CYS A 21 21.55 -16.78 8.99
N ILE A 22 20.40 -16.67 9.67
CA ILE A 22 19.13 -16.61 8.95
C ILE A 22 18.98 -15.31 8.17
N ARG A 23 19.68 -14.24 8.57
CA ARG A 23 19.58 -12.97 7.87
C ARG A 23 20.74 -12.71 6.93
N ARG A 24 21.75 -13.58 6.92
CA ARG A 24 22.92 -13.48 6.06
C ARG A 24 23.60 -12.10 6.11
N PRO A 25 24.05 -11.66 7.29
CA PRO A 25 24.64 -10.33 7.42
C PRO A 25 26.05 -10.28 6.85
N PHE A 26 26.49 -9.07 6.51
CA PHE A 26 27.85 -8.85 6.07
C PHE A 26 28.80 -8.85 7.26
N LEU A 27 29.90 -9.58 7.15
CA LEU A 27 30.89 -9.68 8.20
C LEU A 27 32.28 -9.41 7.63
N CYS A 28 33.08 -8.64 8.37
CA CYS A 28 34.42 -8.29 7.91
C CYS A 28 35.40 -9.45 8.09
N CYS A 29 36.58 -9.31 7.48
CA CYS A 29 37.57 -10.39 7.49
C CYS A 29 37.89 -10.82 8.92
N LYS A 30 38.05 -9.86 9.83
CA LYS A 30 38.30 -10.19 11.22
C LYS A 30 37.03 -10.67 11.91
N CYS A 31 35.92 -9.99 11.66
CA CYS A 31 34.68 -10.34 12.35
C CYS A 31 34.14 -11.67 11.85
N CYS A 32 34.21 -11.91 10.53
CA CYS A 32 33.78 -13.19 9.99
C CYS A 32 34.60 -14.34 10.55
N TYR A 33 35.90 -14.10 10.76
CA TYR A 33 36.74 -15.11 11.39
C TYR A 33 36.27 -15.40 12.81
N ASP A 34 36.09 -14.34 13.61
CA ASP A 34 35.66 -14.53 15.00
C ASP A 34 34.29 -15.18 15.10
N HIS A 35 33.49 -15.11 14.03
CA HIS A 35 32.16 -15.71 14.05
C HIS A 35 32.22 -17.20 13.72
N VAL A 36 33.11 -17.61 12.81
CA VAL A 36 33.09 -19.01 12.39
C VAL A 36 33.84 -19.90 13.37
N ILE A 37 34.81 -19.35 14.11
CA ILE A 37 35.59 -20.17 15.02
C ILE A 37 34.94 -20.29 16.40
N SER A 38 33.90 -19.50 16.67
CA SER A 38 33.25 -19.49 17.96
C SER A 38 31.81 -19.98 17.91
N THR A 39 31.30 -20.31 16.72
CA THR A 39 29.95 -20.84 16.58
C THR A 39 29.97 -22.02 15.63
N SER A 40 28.81 -22.64 15.45
CA SER A 40 28.64 -23.71 14.48
C SER A 40 28.47 -23.19 13.06
N HIS A 41 28.36 -21.86 12.89
CA HIS A 41 28.20 -21.25 11.58
C HIS A 41 29.52 -21.33 10.83
N LYS A 42 29.56 -22.16 9.78
CA LYS A 42 30.79 -22.37 9.04
C LYS A 42 30.67 -22.05 7.56
N LEU A 43 29.47 -21.80 7.05
CA LEU A 43 29.26 -21.48 5.64
C LEU A 43 29.42 -19.99 5.42
N VAL A 44 30.38 -19.62 4.58
CA VAL A 44 30.66 -18.23 4.23
C VAL A 44 30.28 -18.01 2.77
N LEU A 45 29.59 -16.92 2.50
CA LEU A 45 29.08 -16.65 1.16
C LEU A 45 29.81 -15.43 0.60
N SER A 46 29.85 -15.34 -0.73
CA SER A 46 30.45 -14.22 -1.44
C SER A 46 29.86 -14.20 -2.84
N VAL A 47 30.56 -13.58 -3.80
CA VAL A 47 30.10 -13.66 -5.18
C VAL A 47 29.72 -15.09 -5.49
N ASN A 48 30.60 -16.02 -5.14
CA ASN A 48 30.35 -17.44 -5.20
C ASN A 48 30.41 -18.03 -3.79
N PRO A 49 29.67 -19.10 -3.52
CA PRO A 49 29.74 -19.71 -2.19
C PRO A 49 31.13 -20.28 -1.93
N TYR A 50 31.65 -20.05 -0.71
CA TYR A 50 32.92 -20.64 -0.35
C TYR A 50 32.76 -22.14 -0.12
N VAL A 51 32.84 -22.93 -1.19
CA VAL A 51 32.71 -24.38 -1.12
C VAL A 51 33.78 -25.03 -1.99
N CYS A 52 34.06 -26.29 -1.69
CA CYS A 52 35.00 -27.06 -2.50
C CYS A 52 34.38 -27.35 -3.86
N ASN A 53 35.01 -26.88 -4.92
CA ASN A 53 34.47 -27.05 -6.26
C ASN A 53 34.82 -28.38 -6.90
N ALA A 54 35.52 -29.28 -6.21
CA ALA A 54 35.81 -30.57 -6.78
C ALA A 54 34.52 -31.39 -6.94
N PRO A 55 34.43 -32.21 -7.99
CA PRO A 55 33.19 -32.95 -8.26
C PRO A 55 32.88 -33.96 -7.16
N GLY A 56 31.72 -33.79 -6.54
CA GLY A 56 31.24 -34.73 -5.54
C GLY A 56 31.65 -34.41 -4.13
N CYS A 57 32.36 -33.31 -3.89
CA CYS A 57 32.81 -32.96 -2.56
C CYS A 57 31.76 -32.08 -1.89
N ASP A 58 31.45 -32.40 -0.63
CA ASP A 58 30.45 -31.66 0.13
C ASP A 58 31.06 -30.83 1.23
N VAL A 59 32.37 -30.55 1.17
CA VAL A 59 33.02 -29.78 2.21
C VAL A 59 32.56 -28.34 2.10
N THR A 60 31.87 -27.85 3.13
CA THR A 60 31.40 -26.47 3.17
C THR A 60 32.01 -25.67 4.32
N ASP A 61 32.78 -26.30 5.20
CA ASP A 61 33.39 -25.60 6.32
C ASP A 61 34.51 -24.71 5.83
N VAL A 62 34.38 -23.40 6.05
CA VAL A 62 35.38 -22.45 5.56
C VAL A 62 36.73 -22.67 6.21
N THR A 63 36.76 -23.23 7.42
CA THR A 63 38.02 -23.54 8.09
C THR A 63 38.74 -24.71 7.46
N GLN A 64 38.07 -25.47 6.61
CA GLN A 64 38.66 -26.61 5.91
C GLN A 64 38.88 -26.32 4.43
N LEU A 65 38.88 -25.05 4.04
CA LEU A 65 38.91 -24.66 2.65
C LEU A 65 40.11 -23.76 2.38
N TYR A 66 40.64 -23.88 1.16
CA TYR A 66 41.80 -23.12 0.72
C TYR A 66 41.49 -22.50 -0.63
N LEU A 67 42.28 -21.51 -1.02
CA LEU A 67 42.15 -20.86 -2.31
C LEU A 67 43.27 -21.34 -3.23
N GLY A 68 42.89 -22.04 -4.29
CA GLY A 68 43.82 -22.48 -5.33
C GLY A 68 43.40 -22.06 -6.72
N GLY A 69 44.12 -21.11 -7.31
CA GLY A 69 43.73 -20.54 -8.58
C GLY A 69 42.65 -19.50 -8.37
N MET A 70 41.51 -19.64 -9.04
CA MET A 70 40.41 -18.73 -8.80
C MET A 70 39.22 -19.44 -8.17
N SER A 71 39.42 -20.70 -7.77
CA SER A 71 38.41 -21.55 -7.18
C SER A 71 38.83 -21.95 -5.77
N TYR A 72 37.89 -22.54 -5.05
CA TYR A 72 38.10 -22.92 -3.66
C TYR A 72 38.04 -24.44 -3.56
N TYR A 73 38.95 -25.00 -2.75
CA TYR A 73 39.05 -26.44 -2.55
C TYR A 73 39.35 -26.74 -1.10
N CYS A 74 39.12 -27.99 -0.71
CA CYS A 74 39.41 -28.47 0.62
C CYS A 74 40.84 -29.01 0.67
N LYS A 75 41.22 -29.56 1.82
CA LYS A 75 42.56 -30.11 1.97
C LYS A 75 42.80 -31.30 1.05
N SER A 76 41.77 -32.04 0.71
CA SER A 76 41.91 -33.25 -0.10
C SER A 76 41.90 -32.97 -1.60
N HIS A 77 41.65 -31.73 -2.01
CA HIS A 77 41.58 -31.40 -3.42
C HIS A 77 42.37 -30.13 -3.77
N LYS A 78 43.00 -29.48 -2.80
CA LYS A 78 43.68 -28.23 -3.08
C LYS A 78 44.93 -28.49 -3.90
N PRO A 79 45.28 -27.57 -4.80
CA PRO A 79 46.51 -27.73 -5.59
C PRO A 79 47.72 -27.43 -4.73
N PRO A 80 48.93 -27.79 -5.20
CA PRO A 80 50.14 -27.54 -4.39
C PRO A 80 50.33 -26.08 -4.00
N ILE A 81 49.99 -25.16 -4.87
CA ILE A 81 50.09 -23.72 -4.61
C ILE A 81 48.68 -23.29 -4.19
N SER A 82 48.49 -23.13 -2.88
CA SER A 82 47.20 -22.77 -2.30
C SER A 82 47.46 -22.11 -0.94
N PHE A 83 46.57 -21.20 -0.56
CA PHE A 83 46.62 -20.53 0.73
C PHE A 83 45.29 -20.69 1.49
N PRO A 84 45.34 -20.74 2.82
CA PRO A 84 44.10 -20.99 3.58
C PRO A 84 43.18 -19.77 3.60
N LEU A 85 41.88 -20.03 3.51
CA LEU A 85 40.88 -18.97 3.62
C LEU A 85 40.85 -18.36 5.01
N CYS A 86 41.14 -19.17 6.02
CA CYS A 86 41.06 -18.81 7.43
C CYS A 86 42.44 -18.88 8.05
N ALA A 87 43.07 -17.71 8.21
CA ALA A 87 44.40 -17.61 8.78
C ALA A 87 44.62 -16.16 9.16
N ASN A 88 45.61 -15.96 10.05
CA ASN A 88 46.01 -14.64 10.53
C ASN A 88 44.84 -13.92 11.21
N GLY A 89 43.92 -14.67 11.80
CA GLY A 89 42.77 -14.03 12.40
C GLY A 89 41.82 -13.44 11.39
N GLN A 90 41.87 -13.89 10.14
CA GLN A 90 41.03 -13.34 9.09
C GLN A 90 40.55 -14.42 8.13
N VAL A 91 39.36 -14.21 7.59
CA VAL A 91 38.82 -14.99 6.48
C VAL A 91 39.07 -14.20 5.20
N PHE A 92 39.52 -14.89 4.16
CA PHE A 92 39.90 -14.23 2.92
C PHE A 92 38.71 -13.54 2.27
N GLY A 93 38.87 -12.25 2.03
CA GLY A 93 37.88 -11.45 1.34
C GLY A 93 38.51 -10.18 0.84
N LEU A 94 37.67 -9.28 0.36
CA LEU A 94 38.22 -8.01 -0.09
C LEU A 94 38.44 -7.09 1.10
N TYR A 95 39.30 -6.09 0.89
CA TYR A 95 39.65 -5.10 1.91
C TYR A 95 40.18 -5.76 3.19
N LYS A 96 40.99 -6.80 3.03
CA LYS A 96 41.56 -7.51 4.17
C LYS A 96 42.51 -6.69 5.03
N VAL A 105 31.98 -8.77 19.92
CA VAL A 105 31.96 -9.90 19.02
C VAL A 105 31.27 -11.08 19.71
N THR A 106 31.50 -11.18 21.02
CA THR A 106 30.87 -12.20 21.85
C THR A 106 29.35 -12.05 21.81
N ASP A 107 28.88 -10.80 21.79
CA ASP A 107 27.46 -10.49 21.71
C ASP A 107 26.86 -10.94 20.37
N PHE A 108 27.51 -10.62 19.26
CA PHE A 108 27.00 -11.00 17.94
C PHE A 108 26.78 -12.50 17.83
N ASN A 109 27.67 -13.31 18.39
CA ASN A 109 27.50 -14.75 18.31
C ASN A 109 26.21 -15.19 18.98
N ALA A 110 25.89 -14.61 20.13
CA ALA A 110 24.68 -15.00 20.86
C ALA A 110 23.41 -14.63 20.11
N ILE A 111 23.32 -13.41 19.56
CA ILE A 111 22.12 -13.03 18.80
C ILE A 111 21.96 -13.94 17.58
N ALA A 112 23.06 -14.30 16.93
CA ALA A 112 22.98 -15.06 15.69
C ALA A 112 22.58 -16.51 15.90
N THR A 113 22.82 -17.08 17.09
CA THR A 113 22.63 -18.50 17.31
C THR A 113 21.51 -18.85 18.28
N CYS A 114 21.04 -17.89 19.07
CA CYS A 114 19.98 -18.15 20.02
C CYS A 114 18.66 -18.46 19.31
N ASP A 115 17.75 -19.10 20.04
CA ASP A 115 16.43 -19.44 19.52
C ASP A 115 15.32 -18.53 20.02
N TRP A 116 15.66 -17.51 20.81
CA TRP A 116 14.71 -16.48 21.26
C TRP A 116 13.62 -17.05 22.16
N THR A 117 13.93 -18.10 22.91
CA THR A 117 13.00 -18.65 23.89
C THR A 117 13.32 -18.23 25.32
N ASN A 118 14.49 -17.65 25.55
CA ASN A 118 14.91 -17.18 26.86
C ASN A 118 14.85 -15.66 26.91
N ALA A 119 14.55 -15.13 28.09
CA ALA A 119 14.49 -13.69 28.27
C ALA A 119 15.86 -13.04 28.07
N GLY A 120 16.94 -13.78 28.36
CA GLY A 120 18.27 -13.25 28.15
C GLY A 120 18.56 -12.91 26.71
N ASP A 121 17.89 -13.56 25.76
CA ASP A 121 18.05 -13.21 24.36
C ASP A 121 17.50 -11.82 24.07
N TYR A 122 16.35 -11.49 24.65
CA TYR A 122 15.75 -10.17 24.44
C TYR A 122 16.49 -9.09 25.21
N ILE A 123 17.12 -9.45 26.33
CA ILE A 123 17.96 -8.52 27.08
C ILE A 123 19.17 -8.12 26.26
N LEU A 124 19.84 -9.09 25.65
CA LEU A 124 20.99 -8.80 24.81
C LEU A 124 20.58 -7.98 23.59
N ALA A 125 19.39 -8.20 23.06
CA ALA A 125 18.92 -7.46 21.88
C ALA A 125 18.64 -6.00 22.19
N ASN A 126 18.70 -5.60 23.46
CA ASN A 126 18.47 -4.22 23.85
C ASN A 126 19.65 -3.56 24.55
N THR A 127 20.69 -4.30 24.91
CA THR A 127 21.87 -3.72 25.54
C THR A 127 23.08 -3.69 24.63
N CYS A 128 22.95 -4.15 23.39
CA CYS A 128 24.06 -4.20 22.45
C CYS A 128 24.19 -2.86 21.73
N THR A 129 25.07 -2.81 20.73
CA THR A 129 25.22 -1.63 19.89
C THR A 129 23.97 -1.43 19.03
N GLU A 130 23.85 -0.22 18.47
CA GLU A 130 22.64 0.13 17.72
C GLU A 130 22.44 -0.75 16.50
N ARG A 131 23.53 -1.08 15.80
CA ARG A 131 23.40 -1.90 14.60
C ARG A 131 23.06 -3.35 14.93
N LEU A 132 23.53 -3.84 16.07
CA LEU A 132 23.14 -5.18 16.52
C LEU A 132 21.68 -5.23 16.93
N LYS A 133 21.12 -4.11 17.38
CA LYS A 133 19.69 -4.05 17.66
C LYS A 133 18.88 -4.29 16.38
N LEU A 134 19.30 -3.69 15.26
CA LEU A 134 18.62 -3.93 14.00
C LEU A 134 18.75 -5.37 13.55
N PHE A 135 19.93 -5.95 13.70
CA PHE A 135 20.12 -7.35 13.32
C PHE A 135 19.31 -8.27 14.23
N ALA A 136 19.27 -7.96 15.53
CA ALA A 136 18.52 -8.81 16.45
C ALA A 136 17.02 -8.76 16.15
N ALA A 137 16.49 -7.56 15.90
CA ALA A 137 15.07 -7.46 15.56
C ALA A 137 14.76 -8.19 14.26
N GLU A 138 15.66 -8.09 13.28
CA GLU A 138 15.48 -8.82 12.03
C GLU A 138 15.51 -10.32 12.28
N THR A 139 16.52 -10.79 13.01
CA THR A 139 16.66 -12.21 13.29
C THR A 139 15.48 -12.75 14.09
N LEU A 140 15.00 -11.96 15.05
CA LEU A 140 13.88 -12.39 15.87
C LEU A 140 12.61 -12.55 15.04
N LYS A 141 12.24 -11.52 14.28
CA LYS A 141 11.04 -11.58 13.46
C LYS A 141 11.15 -12.70 12.42
N ALA A 142 12.34 -12.88 11.84
CA ALA A 142 12.55 -13.97 10.90
C ALA A 142 12.40 -15.31 11.59
N THR A 143 12.97 -15.46 12.78
CA THR A 143 12.80 -16.69 13.56
C THR A 143 11.35 -16.90 13.95
N GLU A 144 10.63 -15.82 14.27
CA GLU A 144 9.21 -15.95 14.63
C GLU A 144 8.39 -16.47 13.45
N GLU A 145 8.68 -15.96 12.24
CA GLU A 145 7.90 -16.29 11.05
C GLU A 145 8.12 -17.72 10.62
N THR A 146 9.36 -18.19 10.65
CA THR A 146 9.58 -19.53 10.18
C THR A 146 8.81 -20.50 11.05
N PHE A 147 8.82 -20.29 12.37
CA PHE A 147 8.16 -21.23 13.26
C PHE A 147 6.67 -21.35 12.96
N LYS A 148 6.06 -20.24 12.50
CA LYS A 148 4.63 -20.25 12.20
C LYS A 148 4.28 -21.35 11.21
N LEU A 149 5.14 -21.57 10.22
CA LEU A 149 4.90 -22.57 9.19
C LEU A 149 5.10 -23.94 9.83
N SER A 150 4.19 -24.40 10.70
CA SER A 150 4.42 -25.68 11.39
C SER A 150 3.36 -26.07 12.42
N TYR A 151 2.64 -25.11 13.02
CA TYR A 151 1.65 -25.54 14.01
C TYR A 151 0.59 -26.40 13.33
N GLY A 152 -0.27 -27.00 14.13
CA GLY A 152 -1.31 -27.81 13.54
C GLY A 152 -2.44 -27.00 12.93
N THR A 155 -9.87 -28.07 10.99
CA THR A 155 -10.99 -28.27 10.09
C THR A 155 -12.26 -28.38 10.95
N VAL A 156 -13.30 -27.65 10.53
CA VAL A 156 -14.56 -27.60 11.25
C VAL A 156 -15.27 -28.95 11.14
N ARG A 157 -15.55 -29.56 12.28
CA ARG A 157 -16.30 -30.81 12.24
C ARG A 157 -17.79 -30.56 12.02
N GLU A 158 -18.39 -29.61 12.71
CA GLU A 158 -19.82 -29.36 12.58
C GLU A 158 -20.10 -27.93 13.03
N VAL A 159 -20.96 -27.22 12.29
CA VAL A 159 -21.38 -25.89 12.69
C VAL A 159 -22.65 -26.05 13.51
N LEU A 160 -22.54 -25.74 14.80
CA LEU A 160 -23.64 -25.77 15.74
C LEU A 160 -24.50 -24.51 15.68
N SER A 161 -23.90 -23.33 15.62
CA SER A 161 -24.68 -22.10 15.65
C SER A 161 -23.88 -21.00 14.98
N ASP A 162 -24.27 -19.74 15.23
CA ASP A 162 -23.66 -18.63 14.52
C ASP A 162 -22.44 -18.08 15.23
N ARG A 163 -22.08 -18.63 16.38
CA ARG A 163 -20.92 -18.13 17.11
C ARG A 163 -20.06 -19.20 17.74
N GLU A 164 -20.42 -20.48 17.66
CA GLU A 164 -19.55 -21.50 18.19
C GLU A 164 -19.33 -22.60 17.17
N LEU A 165 -18.30 -23.41 17.40
CA LEU A 165 -17.96 -24.47 16.46
C LEU A 165 -17.28 -25.61 17.20
N HIS A 166 -17.27 -26.76 16.54
CA HIS A 166 -16.57 -27.97 16.94
C HIS A 166 -15.43 -28.20 15.97
N LEU A 167 -14.19 -28.23 16.44
CA LEU A 167 -13.09 -28.30 15.50
C LEU A 167 -12.36 -29.63 15.65
N SER A 168 -11.78 -30.06 14.53
CA SER A 168 -10.96 -31.25 14.41
C SER A 168 -9.63 -30.80 13.83
N TRP A 169 -8.53 -31.31 14.34
CA TRP A 169 -7.20 -30.83 13.97
C TRP A 169 -6.46 -31.80 13.05
N GLU A 170 -5.34 -31.33 12.50
CA GLU A 170 -4.51 -32.12 11.59
C GLU A 170 -3.59 -33.05 12.39
N VAL A 171 -3.31 -34.23 11.82
CA VAL A 171 -2.50 -35.26 12.47
C VAL A 171 -1.01 -34.97 12.35
N GLY A 172 -0.30 -35.25 13.45
CA GLY A 172 1.14 -35.22 13.52
C GLY A 172 1.74 -33.95 14.08
N LYS A 173 0.96 -32.87 14.19
CA LYS A 173 1.48 -31.59 14.65
C LYS A 173 0.68 -31.08 15.85
N PRO A 174 1.32 -30.33 16.74
CA PRO A 174 0.62 -29.82 17.93
C PRO A 174 -0.41 -28.76 17.57
N ARG A 175 -1.27 -28.45 18.56
CA ARG A 175 -2.30 -27.44 18.38
C ARG A 175 -1.84 -26.10 18.95
N PRO A 176 -1.99 -25.02 18.19
CA PRO A 176 -1.66 -23.70 18.71
C PRO A 176 -2.76 -23.18 19.62
N PRO A 177 -2.41 -22.44 20.67
CA PRO A 177 -3.45 -21.91 21.57
C PRO A 177 -4.46 -21.03 20.86
N LEU A 178 -5.70 -21.10 21.33
CA LEU A 178 -6.85 -20.43 20.71
C LEU A 178 -7.12 -19.12 21.44
N ASN A 179 -6.44 -18.06 21.01
CA ASN A 179 -6.67 -16.71 21.55
C ASN A 179 -6.50 -15.73 20.41
N ARG A 180 -6.37 -14.45 20.77
CA ARG A 180 -6.27 -13.39 19.77
C ARG A 180 -4.86 -13.24 19.21
N ASN A 181 -3.82 -13.70 19.93
CA ASN A 181 -2.47 -13.56 19.41
C ASN A 181 -2.24 -14.44 18.18
N TYR A 182 -3.08 -15.45 17.96
CA TYR A 182 -2.91 -16.37 16.84
C TYR A 182 -4.12 -16.19 15.93
N VAL A 183 -3.90 -15.55 14.78
CA VAL A 183 -4.96 -15.26 13.84
C VAL A 183 -4.85 -16.22 12.65
N PHE A 184 -5.93 -16.92 12.35
CA PHE A 184 -5.90 -17.88 11.26
C PHE A 184 -6.57 -17.25 10.05
N THR A 185 -6.22 -17.75 8.87
CA THR A 185 -6.91 -17.30 7.68
C THR A 185 -7.63 -18.52 7.14
N GLY A 186 -8.92 -18.37 6.91
CA GLY A 186 -9.72 -19.45 6.37
C GLY A 186 -9.79 -19.36 4.86
N TYR A 187 -10.07 -20.49 4.23
CA TYR A 187 -10.15 -20.57 2.77
C TYR A 187 -11.33 -21.45 2.43
N GLN A 196 -8.71 -16.64 1.13
CA GLN A 196 -8.76 -15.28 1.64
C GLN A 196 -10.19 -14.92 2.03
N ILE A 197 -10.86 -15.81 2.77
CA ILE A 197 -12.24 -15.54 3.15
C ILE A 197 -12.26 -14.71 4.43
N GLY A 198 -11.11 -14.22 4.83
CA GLY A 198 -10.97 -13.33 5.97
C GLY A 198 -10.16 -13.96 7.09
N GLU A 199 -9.81 -13.12 8.05
CA GLU A 199 -9.04 -13.51 9.21
C GLU A 199 -9.94 -13.91 10.38
N TYR A 200 -9.56 -14.97 11.08
CA TYR A 200 -10.37 -15.54 12.16
C TYR A 200 -9.55 -15.72 13.42
N THR A 201 -10.28 -15.73 14.53
CA THR A 201 -9.79 -16.06 15.86
C THR A 201 -10.74 -17.02 16.56
N PHE A 202 -10.18 -17.88 17.39
CA PHE A 202 -10.92 -18.93 18.09
C PHE A 202 -10.67 -18.76 19.58
N GLU A 203 -11.60 -19.27 20.39
CA GLU A 203 -11.47 -19.22 21.83
C GLU A 203 -12.13 -20.43 22.46
N LYS A 204 -11.50 -20.95 23.51
CA LYS A 204 -12.00 -22.13 24.20
C LYS A 204 -12.61 -21.73 25.54
N ASP A 209 -15.29 -29.01 24.66
CA ASP A 209 -15.25 -29.25 23.21
C ASP A 209 -15.60 -28.00 22.42
N ALA A 210 -16.51 -27.20 22.98
CA ALA A 210 -17.06 -26.07 22.25
C ALA A 210 -16.02 -24.96 22.07
N VAL A 211 -15.97 -24.40 20.87
CA VAL A 211 -15.05 -23.33 20.54
C VAL A 211 -15.82 -22.23 19.83
N VAL A 212 -15.52 -20.99 20.16
CA VAL A 212 -16.16 -19.81 19.59
C VAL A 212 -15.37 -19.33 18.39
N TYR A 213 -16.03 -19.17 17.24
CA TYR A 213 -15.33 -18.68 16.06
C TYR A 213 -15.82 -17.25 15.80
N ARG A 214 -14.86 -16.35 15.62
CA ARG A 214 -15.11 -14.93 15.37
C ARG A 214 -14.38 -14.41 14.14
N GLY A 215 -14.97 -14.50 12.95
CA GLY A 215 -14.30 -14.00 11.77
C GLY A 215 -14.60 -12.51 11.63
N THR A 216 -13.55 -11.75 11.27
CA THR A 216 -13.74 -10.31 11.08
C THR A 216 -14.76 -10.02 9.98
N THR A 217 -14.76 -10.86 8.95
CA THR A 217 -15.72 -10.82 7.86
C THR A 217 -16.73 -11.94 8.08
N THR A 218 -17.95 -11.72 7.64
CA THR A 218 -18.98 -12.73 7.88
C THR A 218 -19.14 -13.63 6.67
N TYR A 219 -18.03 -14.10 6.11
CA TYR A 219 -18.17 -14.89 4.90
C TYR A 219 -18.79 -16.23 5.30
N LYS A 220 -19.40 -16.89 4.33
CA LYS A 220 -20.00 -18.18 4.62
C LYS A 220 -18.94 -19.26 4.75
N LEU A 221 -19.23 -20.27 5.57
CA LEU A 221 -18.22 -21.30 5.78
C LEU A 221 -18.91 -22.56 6.26
N ASN A 222 -18.75 -23.64 5.49
CA ASN A 222 -19.44 -24.87 5.83
C ASN A 222 -18.45 -25.84 6.47
N VAL A 223 -18.90 -27.08 6.64
CA VAL A 223 -18.08 -28.12 7.23
C VAL A 223 -16.99 -28.47 6.20
N GLY A 224 -15.73 -28.56 6.63
CA GLY A 224 -14.66 -28.96 5.72
C GLY A 224 -13.66 -27.87 5.42
N ASP A 225 -14.00 -26.62 5.68
CA ASP A 225 -13.14 -25.47 5.47
C ASP A 225 -11.93 -25.51 6.38
N TYR A 226 -10.76 -25.11 5.86
CA TYR A 226 -9.59 -25.22 6.68
C TYR A 226 -9.11 -23.79 6.72
N PHE A 227 -8.37 -23.52 7.78
CA PHE A 227 -7.80 -22.23 8.18
C PHE A 227 -6.32 -22.36 8.50
N VAL A 228 -5.51 -21.39 8.08
CA VAL A 228 -4.08 -21.38 8.37
C VAL A 228 -3.64 -20.01 8.87
N LEU A 229 -2.64 -20.04 9.76
CA LEU A 229 -2.08 -18.78 10.27
C LEU A 229 -1.46 -17.90 9.21
N THR A 230 -1.79 -16.61 9.33
CA THR A 230 -1.41 -15.59 8.38
C THR A 230 0.04 -15.18 8.67
N SER A 231 0.89 -15.35 7.67
CA SER A 231 2.31 -15.01 7.74
C SER A 231 2.59 -13.79 6.88
N HIS A 232 3.42 -12.89 7.40
CA HIS A 232 3.74 -11.66 6.69
C HIS A 232 5.25 -11.64 6.57
N THR A 233 5.72 -11.50 5.33
CA THR A 233 7.15 -11.51 5.03
C THR A 233 7.91 -10.46 5.82
N VAL A 234 9.08 -10.83 6.32
CA VAL A 234 9.90 -9.93 7.11
C VAL A 234 10.79 -9.19 6.13
N MET A 235 10.65 -7.94 6.10
CA MET A 235 11.50 -7.14 5.25
C MET A 235 12.78 -6.78 5.99
N PRO A 236 13.91 -6.63 5.30
CA PRO A 236 15.14 -6.26 5.98
C PRO A 236 15.02 -4.85 6.54
N LEU A 237 15.75 -4.59 7.63
CA LEU A 237 15.71 -3.29 8.27
C LEU A 237 16.92 -2.47 7.87
N SER A 238 16.73 -1.15 7.78
CA SER A 238 17.82 -0.25 7.43
C SER A 238 17.86 0.95 8.37
N ALA A 239 16.71 1.56 8.65
CA ALA A 239 16.69 2.71 9.54
C ALA A 239 16.89 2.24 10.98
N PRO A 240 17.55 3.05 11.81
CA PRO A 240 17.73 2.67 13.22
C PRO A 240 16.42 2.75 13.99
N THR A 241 16.42 2.13 15.18
CA THR A 241 15.25 2.20 16.04
C THR A 241 15.02 3.62 16.53
N LEU A 242 16.10 4.32 16.89
CA LEU A 242 16.07 5.71 17.29
C LEU A 242 17.03 6.48 16.40
N VAL A 243 16.58 7.65 15.94
CA VAL A 243 17.46 8.55 15.19
C VAL A 243 18.48 9.16 16.14
N PRO A 244 19.62 9.63 15.64
CA PRO A 244 20.59 10.31 16.51
C PRO A 244 19.97 11.54 17.16
N GLN A 245 20.18 11.68 18.47
CA GLN A 245 19.60 12.80 19.19
C GLN A 245 20.28 14.11 18.80
N GLU A 246 19.48 15.18 18.71
CA GLU A 246 19.99 16.50 18.43
C GLU A 246 19.27 17.48 19.35
N HIS A 247 20.03 18.26 20.10
CA HIS A 247 19.47 19.29 20.97
C HIS A 247 19.64 20.66 20.33
N TYR A 248 18.59 21.47 20.40
CA TYR A 248 18.60 22.80 19.80
C TYR A 248 18.50 23.85 20.89
N VAL A 249 18.75 25.11 20.51
CA VAL A 249 18.62 26.22 21.44
C VAL A 249 17.33 27.00 21.27
N ARG A 250 16.66 26.86 20.13
CA ARG A 250 15.38 27.50 19.86
C ARG A 250 14.45 26.51 19.17
N ILE A 251 13.17 26.86 19.11
CA ILE A 251 12.20 26.04 18.38
C ILE A 251 12.55 26.06 16.90
N THR A 252 12.79 24.87 16.35
CA THR A 252 13.25 24.73 14.97
C THR A 252 12.18 24.06 14.13
N GLY A 253 11.90 24.61 12.96
CA GLY A 253 10.96 24.05 12.01
C GLY A 253 9.50 24.21 12.36
N LEU A 254 9.18 24.84 13.48
CA LEU A 254 7.81 25.01 13.93
C LEU A 254 7.59 26.47 14.32
N TYR A 255 6.32 26.87 14.36
CA TYR A 255 5.95 28.24 14.68
C TYR A 255 4.92 28.17 15.80
N PRO A 256 5.32 28.42 17.06
CA PRO A 256 4.37 28.30 18.16
C PRO A 256 3.37 29.44 18.20
N THR A 257 2.11 29.09 18.40
CA THR A 257 1.07 30.08 18.65
C THR A 257 1.26 30.70 20.04
N LEU A 258 0.70 31.90 20.21
CA LEU A 258 0.70 32.53 21.52
C LEU A 258 -0.62 32.34 22.25
N ASN A 259 -1.73 32.23 21.51
CA ASN A 259 -3.06 32.08 22.09
C ASN A 259 -3.44 30.61 22.14
N ILE A 260 -2.93 29.91 23.15
CA ILE A 260 -3.27 28.50 23.34
C ILE A 260 -4.42 28.48 24.32
N SER A 261 -5.31 27.48 24.20
CA SER A 261 -6.40 27.35 25.16
C SER A 261 -5.88 27.09 26.56
N ASP A 262 -6.68 27.49 27.55
CA ASP A 262 -6.24 27.24 28.92
C ASP A 262 -6.24 25.77 29.30
N GLU A 263 -6.81 24.90 28.45
CA GLU A 263 -6.81 23.45 28.72
C GLU A 263 -5.46 22.80 28.47
N PHE A 264 -4.56 23.51 27.78
CA PHE A 264 -3.26 22.98 27.41
C PHE A 264 -2.14 23.88 27.90
N SER A 265 -2.45 24.78 28.82
CA SER A 265 -1.49 25.72 29.36
C SER A 265 -0.39 25.03 30.17
N SER A 266 -0.71 23.96 30.90
CA SER A 266 0.24 23.27 31.78
C SER A 266 1.32 22.52 31.01
N ASN A 267 1.15 22.35 29.70
CA ASN A 267 2.05 21.58 28.87
C ASN A 267 2.96 22.47 28.02
N VAL A 268 2.85 23.80 28.17
CA VAL A 268 3.57 24.70 27.29
C VAL A 268 5.07 24.56 27.51
N ALA A 269 5.49 24.44 28.78
CA ALA A 269 6.91 24.24 29.07
C ALA A 269 7.44 22.97 28.40
N ASN A 270 6.70 21.86 28.51
CA ASN A 270 7.14 20.65 27.83
C ASN A 270 6.94 20.75 26.32
N TYR A 271 5.91 21.47 25.87
CA TYR A 271 5.71 21.67 24.44
C TYR A 271 6.90 22.35 23.79
N GLN A 272 7.52 23.30 24.50
CA GLN A 272 8.69 23.95 23.95
C GLN A 272 9.87 22.99 23.88
N LYS A 273 10.02 22.13 24.88
CA LYS A 273 11.11 21.15 24.83
C LYS A 273 10.95 20.22 23.63
N VAL A 274 9.71 20.00 23.18
CA VAL A 274 9.51 19.16 22.00
C VAL A 274 10.15 19.79 20.77
N GLY A 275 9.99 21.11 20.61
CA GLY A 275 10.57 21.76 19.45
C GLY A 275 12.06 22.00 19.53
N MET A 276 12.67 21.75 20.67
CA MET A 276 14.11 21.97 20.85
C MET A 276 14.91 20.67 20.88
N GLN A 277 14.28 19.53 20.63
CA GLN A 277 14.99 18.27 20.53
C GLN A 277 14.51 17.46 19.34
N LYS A 278 15.35 16.52 18.90
CA LYS A 278 14.96 15.65 17.81
C LYS A 278 13.90 14.65 18.28
N TYR A 279 14.15 13.97 19.39
CA TYR A 279 13.19 13.06 20.01
C TYR A 279 13.01 13.40 21.48
N SER A 280 11.81 13.14 21.99
CA SER A 280 11.50 13.41 23.40
C SER A 280 10.72 12.22 23.93
N THR A 281 10.94 11.88 25.20
CA THR A 281 10.24 10.76 25.82
C THR A 281 9.29 11.30 26.89
N LEU A 282 8.08 10.75 26.93
CA LEU A 282 7.08 11.14 27.91
C LEU A 282 6.52 9.89 28.57
N GLN A 283 6.72 9.76 29.88
CA GLN A 283 6.11 8.68 30.64
C GLN A 283 4.77 9.18 31.16
N GLY A 284 3.68 8.57 30.70
CA GLY A 284 2.37 8.94 31.16
C GLY A 284 1.64 7.80 31.84
N PRO A 285 1.59 7.82 33.16
CA PRO A 285 0.80 6.82 33.90
C PRO A 285 -0.67 6.88 33.49
N PRO A 286 -1.47 5.88 33.85
CA PRO A 286 -2.87 5.86 33.42
C PRO A 286 -3.64 7.09 33.90
N GLY A 287 -4.50 7.60 33.01
CA GLY A 287 -5.36 8.72 33.38
C GLY A 287 -4.66 10.03 33.60
N THR A 288 -3.42 10.19 33.11
CA THR A 288 -2.67 11.42 33.31
C THR A 288 -2.78 12.37 32.13
N GLY A 289 -3.39 11.95 31.04
CA GLY A 289 -3.65 12.80 29.90
C GLY A 289 -2.64 12.68 28.77
N LYS A 290 -2.35 11.45 28.36
CA LYS A 290 -1.39 11.25 27.28
C LYS A 290 -1.96 11.76 25.96
N SER A 291 -3.18 11.33 25.62
CA SER A 291 -3.81 11.79 24.38
C SER A 291 -4.14 13.27 24.45
N HIS A 292 -4.45 13.79 25.65
CA HIS A 292 -4.66 15.22 25.79
C HIS A 292 -3.38 15.99 25.49
N PHE A 293 -2.23 15.43 25.86
CA PHE A 293 -0.96 16.06 25.53
C PHE A 293 -0.70 16.02 24.04
N ALA A 294 -0.96 14.87 23.40
CA ALA A 294 -0.61 14.68 21.99
C ALA A 294 -1.48 15.55 21.07
N ILE A 295 -2.77 15.67 21.38
CA ILE A 295 -3.67 16.45 20.53
C ILE A 295 -3.41 17.94 20.68
N GLY A 296 -3.11 18.39 21.90
CA GLY A 296 -2.82 19.80 22.12
C GLY A 296 -1.52 20.26 21.51
N LEU A 297 -0.59 19.33 21.24
CA LEU A 297 0.62 19.68 20.51
C LEU A 297 0.29 20.26 19.13
N ALA A 298 -0.79 19.78 18.51
CA ALA A 298 -1.18 20.33 17.21
C ALA A 298 -1.76 21.73 17.35
N LEU A 299 -2.46 22.00 18.46
CA LEU A 299 -3.01 23.33 18.67
C LEU A 299 -1.91 24.34 19.02
N TYR A 300 -0.85 23.88 19.69
CA TYR A 300 0.25 24.76 20.03
C TYR A 300 1.11 25.08 18.81
N TYR A 301 1.20 24.14 17.86
CA TYR A 301 1.89 24.32 16.59
C TYR A 301 0.85 24.18 15.47
N PRO A 302 0.02 25.20 15.28
CA PRO A 302 -1.17 25.03 14.42
C PRO A 302 -0.84 24.81 12.95
N SER A 303 0.31 25.26 12.46
CA SER A 303 0.65 25.08 11.05
C SER A 303 1.33 23.75 10.77
N ALA A 304 1.67 22.98 11.80
CA ALA A 304 2.40 21.73 11.59
C ALA A 304 1.49 20.64 11.05
N ARG A 305 2.06 19.78 10.20
CA ARG A 305 1.40 18.59 9.68
C ARG A 305 1.84 17.41 10.55
N ILE A 306 0.87 16.67 11.09
CA ILE A 306 1.15 15.67 12.11
C ILE A 306 0.65 14.31 11.66
N VAL A 307 1.49 13.30 11.82
CA VAL A 307 1.08 11.90 11.67
C VAL A 307 1.04 11.28 13.05
N TYR A 308 -0.12 10.75 13.43
CA TYR A 308 -0.31 10.05 14.70
C TYR A 308 -0.26 8.56 14.42
N THR A 309 0.69 7.88 15.04
CA THR A 309 0.91 6.47 14.76
C THR A 309 1.02 5.68 16.05
N ALA A 310 0.70 4.40 15.94
CA ALA A 310 0.81 3.44 17.04
C ALA A 310 0.79 2.04 16.44
N CYS A 311 0.97 1.05 17.30
CA CYS A 311 1.05 -0.33 16.84
C CYS A 311 -0.34 -0.91 16.60
N SER A 312 -1.30 -0.58 17.46
CA SER A 312 -2.63 -1.15 17.41
C SER A 312 -3.63 -0.16 16.81
N HIS A 313 -4.74 -0.71 16.31
CA HIS A 313 -5.83 0.12 15.80
C HIS A 313 -6.55 0.87 16.91
N ALA A 314 -6.61 0.31 18.12
CA ALA A 314 -7.30 1.00 19.21
C ALA A 314 -6.54 2.24 19.66
N ALA A 315 -5.21 2.19 19.69
CA ALA A 315 -4.42 3.32 20.13
C ALA A 315 -4.55 4.48 19.14
N VAL A 316 -4.51 4.19 17.84
CA VAL A 316 -4.73 5.27 16.87
C VAL A 316 -6.16 5.77 16.95
N ASP A 317 -7.11 4.89 17.24
CA ASP A 317 -8.51 5.30 17.36
C ASP A 317 -8.73 6.23 18.54
N ALA A 318 -8.03 5.99 19.66
CA ALA A 318 -8.17 6.88 20.82
C ALA A 318 -7.63 8.26 20.49
N LEU A 319 -6.52 8.31 19.74
CA LEU A 319 -6.02 9.60 19.31
C LEU A 319 -6.98 10.27 18.32
N CYS A 320 -7.70 9.48 17.49
CA CYS A 320 -8.71 10.06 16.61
C CYS A 320 -9.87 10.66 17.38
N GLU A 321 -10.25 10.04 18.49
CA GLU A 321 -11.40 10.50 19.25
C GLU A 321 -11.10 11.81 19.94
N LYS A 322 -9.87 11.96 20.46
CA LYS A 322 -9.53 13.21 21.10
C LYS A 322 -9.42 14.32 20.05
N ALA A 323 -8.95 13.97 18.83
CA ALA A 323 -8.79 14.96 17.77
C ALA A 323 -10.11 15.51 17.28
N LEU A 324 -11.13 14.64 17.22
CA LEU A 324 -12.44 15.05 16.72
C LEU A 324 -13.00 16.21 17.53
N LYS A 325 -12.66 16.31 18.81
CA LYS A 325 -13.13 17.38 19.68
C LYS A 325 -12.36 18.69 19.48
N TYR A 326 -11.08 18.60 19.17
CA TYR A 326 -10.19 19.75 19.21
C TYR A 326 -9.60 20.14 17.87
N LEU A 327 -9.56 19.24 16.88
CA LEU A 327 -8.92 19.52 15.62
C LEU A 327 -9.96 19.64 14.51
N PRO A 328 -9.71 20.47 13.50
CA PRO A 328 -10.65 20.58 12.37
C PRO A 328 -10.83 19.25 11.67
N ILE A 329 -12.09 18.83 11.57
CA ILE A 329 -12.40 17.51 11.02
C ILE A 329 -12.06 17.41 9.54
N ASP A 330 -12.01 18.53 8.83
CA ASP A 330 -11.70 18.50 7.40
C ASP A 330 -10.22 18.30 7.11
N LYS A 331 -9.35 18.43 8.12
CA LYS A 331 -7.92 18.22 7.94
C LYS A 331 -7.42 16.92 8.58
N CYS A 332 -8.30 15.98 8.86
CA CYS A 332 -7.92 14.71 9.48
C CYS A 332 -8.29 13.56 8.55
N SER A 333 -7.40 12.58 8.46
CA SER A 333 -7.68 11.39 7.66
C SER A 333 -7.21 10.14 8.40
N ARG A 334 -8.02 9.09 8.35
CA ARG A 334 -7.66 7.80 8.92
C ARG A 334 -7.27 6.84 7.81
N ILE A 335 -6.05 6.32 7.86
CA ILE A 335 -5.55 5.36 6.88
C ILE A 335 -5.92 3.95 7.31
N ILE A 336 -6.63 3.23 6.46
CA ILE A 336 -7.06 1.87 6.76
C ILE A 336 -6.56 0.91 5.69
N PRO A 337 -5.78 -0.12 6.04
CA PRO A 337 -5.38 -1.09 5.03
C PRO A 337 -6.60 -1.82 4.52
N ALA A 338 -6.62 -2.16 3.23
CA ALA A 338 -7.76 -2.91 2.74
C ALA A 338 -7.86 -4.24 3.44
N ARG A 339 -6.81 -4.61 4.17
CA ARG A 339 -6.72 -5.81 4.98
C ARG A 339 -7.84 -5.90 6.00
N ALA A 340 -8.59 -4.82 6.20
CA ALA A 340 -9.77 -4.80 7.06
C ALA A 340 -9.56 -5.66 8.31
N ARG A 341 -8.51 -5.33 9.04
CA ARG A 341 -8.23 -6.04 10.28
C ARG A 341 -9.42 -5.95 11.23
N VAL A 342 -9.78 -4.73 11.64
CA VAL A 342 -10.93 -4.49 12.51
C VAL A 342 -11.61 -3.21 12.07
N GLU A 343 -12.79 -2.95 12.62
CA GLU A 343 -13.51 -1.72 12.31
C GLU A 343 -12.79 -0.56 12.98
N CYS A 344 -12.38 0.45 12.20
CA CYS A 344 -11.61 1.51 12.83
C CYS A 344 -12.44 2.80 12.86
N PHE A 345 -11.79 3.93 13.22
CA PHE A 345 -12.56 5.18 13.31
C PHE A 345 -13.21 5.47 11.96
N ASP A 346 -14.56 5.65 11.94
CA ASP A 346 -15.19 5.95 10.64
C ASP A 346 -15.84 7.37 10.79
N LYS A 347 -15.10 8.41 10.95
CA LYS A 347 -15.67 9.74 11.09
C LYS A 347 -14.70 10.74 10.48
N PHE A 348 -13.57 10.28 9.95
CA PHE A 348 -12.61 11.10 9.24
C PHE A 348 -12.62 10.63 7.79
N LYS A 349 -12.05 11.42 6.89
CA LYS A 349 -11.93 11.00 5.49
C LYS A 349 -10.95 9.83 5.38
N VAL A 350 -11.28 8.83 4.57
CA VAL A 350 -10.53 7.58 4.58
C VAL A 350 -9.39 7.63 3.57
N ASN A 351 -8.19 7.24 4.01
CA ASN A 351 -7.05 7.01 3.11
C ASN A 351 -6.66 8.26 2.31
N SER A 352 -6.44 9.36 3.00
CA SER A 352 -5.96 10.62 2.41
C SER A 352 -4.62 10.93 3.07
N THR A 353 -3.54 10.49 2.42
CA THR A 353 -2.21 10.59 3.02
C THR A 353 -1.70 12.02 3.13
N LEU A 354 -2.15 12.92 2.27
CA LEU A 354 -1.60 14.27 2.18
C LEU A 354 -2.30 15.28 3.10
N GLU A 355 -3.18 14.82 3.97
CA GLU A 355 -3.85 15.70 4.92
C GLU A 355 -2.87 16.15 6.02
N GLN A 356 -3.27 17.20 6.73
CA GLN A 356 -2.41 17.76 7.78
C GLN A 356 -2.29 16.81 8.96
N TYR A 357 -3.39 16.16 9.34
CA TYR A 357 -3.40 15.24 10.47
C TYR A 357 -3.74 13.86 9.97
N VAL A 358 -2.79 12.94 10.11
CA VAL A 358 -2.88 11.59 9.57
C VAL A 358 -2.82 10.60 10.73
N PHE A 359 -3.80 9.70 10.80
CA PHE A 359 -3.90 8.69 11.84
C PHE A 359 -3.75 7.32 11.19
N CYS A 360 -2.71 6.60 11.59
CA CYS A 360 -2.36 5.37 10.89
C CYS A 360 -1.53 4.47 11.80
N THR A 361 -1.78 3.17 11.72
CA THR A 361 -0.97 2.21 12.46
C THR A 361 0.43 2.11 11.85
N VAL A 362 1.37 1.53 12.61
CA VAL A 362 2.75 1.50 12.13
C VAL A 362 2.87 0.62 10.91
N ASN A 363 2.19 -0.52 10.91
CA ASN A 363 2.31 -1.49 9.84
C ASN A 363 1.75 -1.00 8.52
N ALA A 364 0.87 -0.01 8.58
CA ALA A 364 0.21 0.51 7.39
C ALA A 364 0.72 1.89 7.03
N LEU A 365 1.82 2.32 7.63
CA LEU A 365 2.31 3.66 7.43
C LEU A 365 2.76 3.86 5.98
N PRO A 366 2.42 4.98 5.36
CA PRO A 366 2.96 5.29 4.04
C PRO A 366 4.30 6.01 4.14
N GLU A 367 5.02 6.01 3.01
CA GLU A 367 6.29 6.72 2.91
C GLU A 367 6.01 8.19 2.67
N THR A 368 6.22 9.01 3.69
CA THR A 368 5.91 10.44 3.60
C THR A 368 6.79 11.19 4.60
N THR A 369 6.57 12.50 4.66
CA THR A 369 7.29 13.41 5.56
C THR A 369 6.27 14.11 6.45
N ALA A 370 6.73 14.61 7.59
CA ALA A 370 5.87 15.27 8.55
C ALA A 370 6.71 16.26 9.37
N ASP A 371 6.01 17.17 10.04
CA ASP A 371 6.67 18.11 10.94
C ASP A 371 7.00 17.47 12.29
N ILE A 372 6.04 16.78 12.89
CA ILE A 372 6.24 16.04 14.12
C ILE A 372 5.61 14.66 13.96
N VAL A 373 6.26 13.64 14.52
CA VAL A 373 5.73 12.29 14.57
C VAL A 373 5.43 11.95 16.01
N VAL A 374 4.19 11.52 16.28
CA VAL A 374 3.75 11.12 17.60
C VAL A 374 3.56 9.61 17.59
N PHE A 375 4.37 8.91 18.40
CA PHE A 375 4.27 7.46 18.54
C PHE A 375 3.69 7.19 19.92
N ASP A 376 2.45 6.70 19.94
CA ASP A 376 1.72 6.46 21.17
C ASP A 376 1.83 5.00 21.57
N GLU A 377 1.54 4.73 22.84
CA GLU A 377 1.60 3.39 23.41
C GLU A 377 2.96 2.75 23.14
N ILE A 378 4.02 3.46 23.53
CA ILE A 378 5.37 3.07 23.16
C ILE A 378 5.82 1.79 23.87
N SER A 379 5.18 1.42 24.97
CA SER A 379 5.53 0.17 25.63
C SER A 379 5.11 -1.04 24.81
N MET A 380 4.11 -0.88 23.94
CA MET A 380 3.67 -1.97 23.08
C MET A 380 4.49 -2.08 21.79
N ALA A 381 5.50 -1.22 21.62
CA ALA A 381 6.29 -1.21 20.40
C ALA A 381 7.51 -2.09 20.54
N THR A 382 7.86 -2.79 19.46
CA THR A 382 9.09 -3.54 19.38
C THR A 382 10.15 -2.73 18.63
N ASN A 383 11.40 -3.15 18.76
CA ASN A 383 12.48 -2.47 18.04
C ASN A 383 12.29 -2.57 16.53
N TYR A 384 11.59 -3.60 16.06
CA TYR A 384 11.20 -3.65 14.65
C TYR A 384 10.31 -2.47 14.28
N ASP A 385 9.29 -2.20 15.12
CA ASP A 385 8.37 -1.10 14.85
C ASP A 385 9.07 0.24 14.84
N LEU A 386 10.02 0.44 15.77
CA LEU A 386 10.75 1.70 15.82
C LEU A 386 11.51 1.92 14.52
N SER A 387 12.02 0.84 13.92
CA SER A 387 12.76 0.95 12.67
C SER A 387 11.83 1.27 11.50
N VAL A 388 10.67 0.61 11.46
CA VAL A 388 9.71 0.88 10.37
C VAL A 388 9.28 2.34 10.39
N VAL A 389 9.09 2.90 11.59
CA VAL A 389 8.66 4.29 11.69
C VAL A 389 9.72 5.22 11.13
N ASN A 390 11.00 4.98 11.48
CA ASN A 390 12.06 5.85 10.98
C ASN A 390 12.29 5.67 9.48
N ALA A 391 12.02 4.48 8.94
CA ALA A 391 12.27 4.24 7.52
C ALA A 391 11.20 4.85 6.64
N ARG A 392 9.96 4.93 7.13
CA ARG A 392 8.85 5.46 6.34
C ARG A 392 8.53 6.92 6.63
N LEU A 393 8.95 7.43 7.78
CA LEU A 393 8.60 8.79 8.20
C LEU A 393 9.88 9.55 8.47
N ARG A 394 10.20 10.52 7.61
CA ARG A 394 11.28 11.47 7.86
C ARG A 394 10.63 12.73 8.44
N ALA A 395 10.99 13.07 9.67
CA ALA A 395 10.35 14.19 10.36
C ALA A 395 11.40 15.04 11.06
N LYS A 396 11.01 16.27 11.40
CA LYS A 396 11.88 17.15 12.17
C LYS A 396 11.91 16.78 13.64
N HIS A 397 10.79 16.30 14.19
CA HIS A 397 10.69 15.96 15.60
C HIS A 397 9.90 14.69 15.79
N TYR A 398 10.33 13.86 16.74
CA TYR A 398 9.65 12.63 17.11
C TYR A 398 9.34 12.68 18.60
N VAL A 399 8.10 12.35 18.97
CA VAL A 399 7.69 12.28 20.37
C VAL A 399 7.18 10.88 20.66
N TYR A 400 7.74 10.25 21.69
CA TYR A 400 7.36 8.90 22.11
C TYR A 400 6.59 8.99 23.42
N ILE A 401 5.32 8.58 23.36
CA ILE A 401 4.40 8.66 24.48
C ILE A 401 4.05 7.25 24.92
N GLY A 402 4.12 7.00 26.23
CA GLY A 402 3.79 5.67 26.73
C GLY A 402 4.07 5.57 28.21
N ASP A 403 4.18 4.33 28.67
CA ASP A 403 4.44 4.03 30.08
C ASP A 403 5.13 2.68 30.21
N PRO A 404 6.41 2.67 30.60
CA PRO A 404 7.10 1.37 30.80
C PRO A 404 6.54 0.57 31.96
N ALA A 405 5.68 1.16 32.79
CA ALA A 405 5.00 0.42 33.85
C ALA A 405 3.75 -0.29 33.37
N GLN A 406 3.45 -0.25 32.07
CA GLN A 406 2.30 -0.96 31.51
C GLN A 406 2.77 -2.13 30.66
N LEU A 407 1.87 -2.67 29.85
CA LEU A 407 2.20 -3.98 29.28
C LEU A 407 2.95 -3.84 27.96
N PRO A 408 3.85 -4.79 27.66
CA PRO A 408 4.58 -4.75 26.40
C PRO A 408 3.93 -5.59 25.30
N ALA A 409 4.51 -5.56 24.11
CA ALA A 409 4.06 -6.42 23.03
C ALA A 409 4.36 -7.88 23.37
N PRO A 410 3.46 -8.81 23.05
CA PRO A 410 3.70 -10.22 23.36
C PRO A 410 4.85 -10.78 22.52
N ARG A 411 5.78 -11.46 23.19
CA ARG A 411 6.87 -12.17 22.52
C ARG A 411 6.53 -13.65 22.57
N THR A 412 5.88 -14.13 21.50
CA THR A 412 5.32 -15.48 21.50
C THR A 412 6.39 -16.56 21.67
N LEU A 413 7.62 -16.31 21.21
CA LEU A 413 8.67 -17.31 21.34
C LEU A 413 9.29 -17.35 22.74
N LEU A 414 9.06 -16.33 23.55
CA LEU A 414 9.65 -16.25 24.89
C LEU A 414 8.83 -17.10 25.86
N THR A 415 9.46 -18.13 26.42
CA THR A 415 8.80 -18.99 27.39
C THR A 415 9.56 -19.11 28.71
N LYS A 416 10.86 -18.86 28.74
CA LYS A 416 11.63 -18.98 29.97
C LYS A 416 12.09 -17.58 30.39
N GLY A 417 11.62 -17.13 31.56
CA GLY A 417 11.98 -15.86 32.11
C GLY A 417 10.96 -14.78 31.79
N THR A 418 11.04 -13.68 32.53
CA THR A 418 10.15 -12.54 32.37
C THR A 418 10.94 -11.36 31.82
N LEU A 419 10.37 -10.68 30.83
CA LEU A 419 11.03 -9.53 30.20
C LEU A 419 10.75 -8.28 31.02
N GLU A 420 11.80 -7.70 31.60
CA GLU A 420 11.68 -6.49 32.39
C GLU A 420 11.45 -5.27 31.49
N PRO A 421 10.78 -4.24 32.02
CA PRO A 421 10.47 -3.06 31.19
C PRO A 421 11.69 -2.40 30.56
N GLU A 422 12.85 -2.42 31.22
CA GLU A 422 14.03 -1.81 30.64
C GLU A 422 14.46 -2.51 29.37
N TYR A 423 13.94 -3.70 29.11
CA TYR A 423 14.30 -4.43 27.91
C TYR A 423 13.15 -4.52 26.91
N PHE A 424 12.09 -3.71 27.10
CA PHE A 424 10.99 -3.70 26.15
C PHE A 424 11.43 -3.20 24.78
N ASN A 425 12.04 -2.02 24.73
CA ASN A 425 12.55 -1.44 23.49
C ASN A 425 13.55 -0.36 23.84
N SER A 426 14.08 0.29 22.81
CA SER A 426 15.08 1.33 23.03
C SER A 426 14.50 2.50 23.82
N VAL A 427 13.24 2.88 23.53
CA VAL A 427 12.64 4.01 24.23
C VAL A 427 12.40 3.66 25.69
N CYS A 428 11.83 2.48 25.95
CA CYS A 428 11.60 2.06 27.34
C CYS A 428 12.91 1.94 28.12
N ARG A 429 13.98 1.53 27.46
CA ARG A 429 15.28 1.43 28.12
C ARG A 429 15.73 2.78 28.63
N LEU A 430 15.60 3.82 27.80
CA LEU A 430 16.01 5.17 28.21
C LEU A 430 15.15 5.65 29.38
N MET A 431 13.84 5.37 29.34
CA MET A 431 12.97 5.85 30.39
C MET A 431 13.30 5.23 31.74
N LYS A 432 13.86 4.02 31.74
CA LYS A 432 14.17 3.34 32.98
C LYS A 432 15.61 3.58 33.45
N THR A 433 16.52 3.93 32.55
CA THR A 433 17.92 4.14 32.94
C THR A 433 18.20 5.59 33.31
N ILE A 434 18.00 6.51 32.36
CA ILE A 434 18.25 7.92 32.58
C ILE A 434 16.98 8.69 32.91
N GLY A 435 15.82 8.04 32.87
CA GLY A 435 14.57 8.71 33.14
C GLY A 435 13.96 9.31 31.89
N PRO A 436 12.68 9.63 31.96
CA PRO A 436 12.01 10.27 30.82
C PRO A 436 12.25 11.77 30.83
N ASP A 437 12.15 12.37 29.64
CA ASP A 437 12.31 13.82 29.56
C ASP A 437 11.18 14.51 30.29
N MET A 438 9.95 14.08 30.06
CA MET A 438 8.78 14.73 30.65
C MET A 438 7.93 13.65 31.31
N PHE A 439 7.22 14.02 32.39
CA PHE A 439 6.43 13.07 33.17
C PHE A 439 5.11 13.71 33.59
N LEU A 440 4.00 13.00 33.39
CA LEU A 440 2.68 13.46 33.82
C LEU A 440 2.36 12.85 35.18
N GLY A 441 2.35 13.67 36.22
CA GLY A 441 2.29 13.19 37.58
C GLY A 441 0.94 13.18 38.28
N THR A 442 -0.14 13.55 37.60
CA THR A 442 -1.46 13.64 38.22
C THR A 442 -2.46 12.74 37.50
N CYS A 443 -2.91 11.68 38.18
CA CYS A 443 -3.94 10.81 37.63
C CYS A 443 -5.31 11.41 37.92
N ARG A 444 -6.11 11.60 36.87
CA ARG A 444 -7.43 12.18 36.98
C ARG A 444 -8.56 11.17 36.82
N ARG A 445 -8.25 9.90 36.56
CA ARG A 445 -9.26 8.89 36.35
C ARG A 445 -9.55 8.07 37.60
N CYS A 446 -8.53 7.68 38.35
CA CYS A 446 -8.85 6.64 39.32
C CYS A 446 -9.07 7.24 40.70
N PRO A 447 -9.91 6.59 41.51
CA PRO A 447 -10.02 6.98 42.92
C PRO A 447 -8.66 6.91 43.62
N ALA A 448 -8.53 7.68 44.69
CA ALA A 448 -7.24 7.80 45.37
C ALA A 448 -6.73 6.47 45.88
N GLU A 449 -7.63 5.55 46.26
CA GLU A 449 -7.18 4.24 46.74
C GLU A 449 -6.39 3.52 45.66
N ILE A 450 -6.84 3.58 44.41
CA ILE A 450 -6.13 2.93 43.33
C ILE A 450 -4.82 3.66 43.03
N VAL A 451 -4.85 5.00 43.04
CA VAL A 451 -3.66 5.77 42.68
C VAL A 451 -2.55 5.54 43.69
N ASP A 452 -2.87 5.64 44.98
CA ASP A 452 -1.86 5.43 46.02
C ASP A 452 -1.25 4.04 45.92
N THR A 453 -2.05 3.04 45.55
CA THR A 453 -1.54 1.67 45.43
C THR A 453 -0.49 1.55 44.34
N VAL A 454 -0.81 2.03 43.13
CA VAL A 454 0.12 1.86 42.01
C VAL A 454 1.26 2.88 42.09
N SER A 455 1.03 4.02 42.74
CA SER A 455 2.10 5.00 42.90
C SER A 455 3.25 4.42 43.70
N ALA A 456 2.95 3.72 44.79
CA ALA A 456 3.98 3.05 45.57
C ALA A 456 4.49 1.79 44.90
N LEU A 457 3.67 1.20 44.01
CA LEU A 457 4.03 -0.10 43.45
C LEU A 457 5.01 0.02 42.28
N VAL A 458 4.82 0.99 41.39
CA VAL A 458 5.62 1.04 40.17
C VAL A 458 6.05 2.46 39.82
N TYR A 459 5.58 3.46 40.58
CA TYR A 459 5.83 4.85 40.22
C TYR A 459 6.63 5.63 41.27
N ASP A 460 7.24 4.95 42.25
CA ASP A 460 8.11 5.56 43.25
C ASP A 460 7.41 6.69 44.01
N ASN A 461 6.11 6.51 44.27
CA ASN A 461 5.30 7.49 45.00
C ASN A 461 5.32 8.86 44.34
N LYS A 462 5.59 8.89 43.04
CA LYS A 462 5.57 10.14 42.30
C LYS A 462 4.25 10.42 41.62
N LEU A 463 3.32 9.46 41.60
CA LEU A 463 2.02 9.67 40.97
C LEU A 463 1.02 10.13 42.01
N LYS A 464 0.48 11.33 41.83
CA LYS A 464 -0.50 11.88 42.74
C LYS A 464 -1.91 11.73 42.20
N ALA A 465 -2.88 11.71 43.10
CA ALA A 465 -4.27 11.52 42.77
C ALA A 465 -5.01 12.85 42.75
N HIS A 466 -5.73 13.11 41.66
CA HIS A 466 -6.61 14.28 41.63
C HIS A 466 -7.92 14.02 42.34
N LYS A 467 -8.42 12.79 42.29
CA LYS A 467 -9.67 12.44 42.95
C LYS A 467 -9.41 12.06 44.40
N ASP A 468 -10.47 12.13 45.19
CA ASP A 468 -10.44 11.67 46.56
C ASP A 468 -10.61 10.15 46.58
N LYS A 469 -10.58 9.59 47.78
CA LYS A 469 -10.97 8.20 47.95
C LYS A 469 -12.45 8.07 47.59
N SER A 470 -12.80 6.98 46.92
CA SER A 470 -14.18 6.76 46.54
C SER A 470 -14.95 5.95 47.56
N ALA A 471 -14.25 5.20 48.42
CA ALA A 471 -14.86 4.26 49.35
C ALA A 471 -15.68 3.20 48.64
N GLN A 472 -15.41 2.98 47.36
CA GLN A 472 -16.03 1.93 46.59
C GLN A 472 -14.97 1.01 45.98
N CYS A 473 -13.83 0.90 46.66
CA CYS A 473 -12.73 0.04 46.26
C CYS A 473 -12.59 -1.06 47.30
N PHE A 474 -12.82 -2.30 46.89
CA PHE A 474 -12.87 -3.42 47.80
C PHE A 474 -11.95 -4.53 47.33
N LYS A 475 -11.46 -5.31 48.29
CA LYS A 475 -10.57 -6.43 48.01
C LYS A 475 -10.99 -7.61 48.85
N MET A 476 -10.64 -8.80 48.37
CA MET A 476 -10.97 -10.03 49.07
C MET A 476 -9.94 -11.08 48.72
N PHE A 477 -9.42 -11.77 49.74
CA PHE A 477 -8.50 -12.87 49.57
C PHE A 477 -9.26 -14.19 49.51
N TYR A 478 -9.21 -14.86 48.36
CA TYR A 478 -9.99 -16.08 48.19
C TYR A 478 -9.29 -16.88 47.11
N LYS A 479 -8.66 -17.99 47.50
CA LYS A 479 -7.90 -18.80 46.55
C LYS A 479 -8.81 -19.63 45.65
N GLY A 480 -9.91 -20.13 46.19
CA GLY A 480 -10.86 -20.88 45.38
C GLY A 480 -10.28 -22.20 44.91
N VAL A 481 -10.60 -22.57 43.67
CA VAL A 481 -10.17 -23.82 43.05
C VAL A 481 -9.79 -23.50 41.62
N ILE A 482 -8.57 -23.85 41.22
CA ILE A 482 -8.10 -23.49 39.89
C ILE A 482 -8.21 -24.69 38.94
N THR A 483 -8.99 -24.51 37.87
CA THR A 483 -9.12 -25.46 36.79
C THR A 483 -8.55 -24.84 35.51
N HIS A 484 -8.20 -25.68 34.55
CA HIS A 484 -7.55 -25.21 33.34
C HIS A 484 -8.18 -25.81 32.09
N ASP A 485 -8.38 -25.01 31.04
CA ASP A 485 -8.80 -25.55 29.74
C ASP A 485 -7.50 -25.48 28.92
N VAL A 486 -6.77 -26.60 28.88
CA VAL A 486 -5.47 -26.66 28.24
C VAL A 486 -4.51 -25.86 29.12
N SER A 487 -4.33 -24.57 28.82
CA SER A 487 -3.32 -23.77 29.48
C SER A 487 -3.89 -22.49 30.08
N SER A 488 -5.18 -22.23 29.92
CA SER A 488 -5.81 -20.99 30.36
C SER A 488 -6.52 -21.36 31.65
N ALA A 489 -6.31 -20.56 32.70
CA ALA A 489 -6.86 -20.85 34.00
C ALA A 489 -8.29 -20.38 34.23
N ILE A 490 -8.96 -21.07 35.14
CA ILE A 490 -10.35 -20.81 35.53
C ILE A 490 -10.42 -20.98 37.04
N ASN A 491 -11.17 -20.09 37.70
CA ASN A 491 -11.44 -20.16 39.13
C ASN A 491 -12.93 -19.92 39.34
N ARG A 492 -13.71 -20.99 39.34
CA ARG A 492 -15.16 -20.89 39.45
C ARG A 492 -15.59 -20.37 40.83
N PRO A 493 -14.99 -20.84 41.94
CA PRO A 493 -15.39 -20.25 43.24
C PRO A 493 -15.19 -18.75 43.32
N GLN A 494 -14.12 -18.21 42.71
CA GLN A 494 -13.94 -16.76 42.68
C GLN A 494 -15.08 -16.09 41.94
N ILE A 495 -15.57 -16.71 40.88
CA ILE A 495 -16.75 -16.19 40.18
C ILE A 495 -17.98 -16.30 41.07
N GLY A 496 -18.11 -17.42 41.79
CA GLY A 496 -19.22 -17.56 42.73
C GLY A 496 -19.20 -16.48 43.80
N VAL A 497 -18.00 -16.08 44.24
CA VAL A 497 -17.86 -14.98 45.18
C VAL A 497 -18.36 -13.68 44.56
N VAL A 498 -18.11 -13.51 43.26
CA VAL A 498 -18.55 -12.31 42.56
C VAL A 498 -20.07 -12.34 42.46
N ARG A 499 -20.62 -13.51 42.15
CA ARG A 499 -22.07 -13.70 42.05
C ARG A 499 -22.74 -13.25 43.33
N GLU A 500 -22.20 -13.66 44.48
CA GLU A 500 -22.80 -13.30 45.76
C GLU A 500 -22.67 -11.81 46.01
N PHE A 501 -21.57 -11.21 45.57
CA PHE A 501 -21.37 -9.77 45.71
C PHE A 501 -22.35 -8.97 44.86
N LEU A 502 -22.68 -9.45 43.66
CA LEU A 502 -23.61 -8.73 42.80
C LEU A 502 -25.01 -8.67 43.40
N THR A 503 -25.47 -9.76 44.01
CA THR A 503 -26.81 -9.81 44.56
C THR A 503 -26.98 -8.85 45.72
N ARG A 504 -25.88 -8.39 46.30
CA ARG A 504 -25.90 -7.53 47.47
C ARG A 504 -25.46 -6.11 47.15
N ASN A 505 -24.91 -5.90 45.96
CA ASN A 505 -24.44 -4.60 45.49
C ASN A 505 -24.99 -4.43 44.07
N PRO A 506 -26.30 -4.16 43.94
CA PRO A 506 -26.92 -4.16 42.60
C PRO A 506 -26.37 -3.14 41.64
N ALA A 507 -25.79 -2.04 42.14
CA ALA A 507 -25.28 -1.03 41.23
C ALA A 507 -24.09 -1.52 40.44
N TRP A 508 -23.42 -2.57 40.91
CA TRP A 508 -22.24 -3.10 40.24
C TRP A 508 -22.53 -4.00 39.03
N ARG A 509 -23.79 -4.30 38.70
CA ARG A 509 -23.97 -5.17 37.51
C ARG A 509 -23.62 -4.47 36.20
N LYS A 510 -23.44 -3.16 36.22
CA LYS A 510 -22.91 -2.43 35.08
C LYS A 510 -21.39 -2.46 35.01
N ALA A 511 -20.75 -3.25 35.87
CA ALA A 511 -19.30 -3.30 35.92
C ALA A 511 -18.77 -4.16 34.76
N VAL A 512 -17.48 -3.99 34.49
CA VAL A 512 -16.78 -4.79 33.51
C VAL A 512 -15.95 -5.83 34.25
N PHE A 513 -16.07 -7.09 33.85
CA PHE A 513 -15.30 -8.17 34.45
C PHE A 513 -13.96 -8.27 33.73
N ILE A 514 -12.87 -8.23 34.49
CA ILE A 514 -11.52 -8.30 33.96
C ILE A 514 -10.77 -9.40 34.69
N SER A 515 -9.99 -10.19 33.94
CA SER A 515 -9.16 -11.22 34.52
C SER A 515 -7.98 -11.45 33.59
N PRO A 516 -6.91 -12.08 34.07
CA PRO A 516 -5.74 -12.35 33.22
C PRO A 516 -5.91 -13.53 32.27
N TYR A 517 -7.05 -14.22 32.26
CA TYR A 517 -7.20 -15.41 31.45
C TYR A 517 -8.52 -15.37 30.67
N ASN A 518 -8.44 -15.62 29.34
CA ASN A 518 -9.64 -15.61 28.49
C ASN A 518 -10.69 -16.64 28.93
N SER A 519 -10.24 -17.80 29.39
CA SER A 519 -11.16 -18.86 29.78
C SER A 519 -11.96 -18.47 31.01
N GLN A 520 -11.28 -17.90 32.02
CA GLN A 520 -12.02 -17.40 33.17
C GLN A 520 -13.01 -16.35 32.71
N ASN A 521 -12.62 -15.58 31.70
CA ASN A 521 -13.51 -14.58 31.14
C ASN A 521 -14.72 -15.24 30.48
N ALA A 522 -14.51 -16.35 29.77
CA ALA A 522 -15.63 -17.01 29.10
C ALA A 522 -16.61 -17.59 30.11
N VAL A 523 -16.09 -18.17 31.20
CA VAL A 523 -16.95 -18.71 32.25
C VAL A 523 -17.71 -17.59 32.96
N ALA A 524 -17.03 -16.48 33.27
CA ALA A 524 -17.70 -15.37 33.94
C ALA A 524 -18.78 -14.75 33.05
N SER A 525 -18.56 -14.74 31.74
CA SER A 525 -19.55 -14.18 30.83
C SER A 525 -20.85 -14.96 30.89
N LYS A 526 -20.77 -16.29 30.98
CA LYS A 526 -21.96 -17.12 31.03
C LYS A 526 -22.63 -17.09 32.40
N ILE A 527 -21.84 -17.09 33.48
CA ILE A 527 -22.40 -17.18 34.82
C ILE A 527 -22.92 -15.83 35.29
N LEU A 528 -22.13 -14.77 35.08
CA LEU A 528 -22.45 -13.44 35.59
C LEU A 528 -23.15 -12.55 34.57
N GLY A 529 -22.98 -12.80 33.27
CA GLY A 529 -23.62 -11.95 32.29
C GLY A 529 -23.06 -10.55 32.18
N LEU A 530 -21.82 -10.33 32.62
CA LEU A 530 -21.20 -9.02 32.50
C LEU A 530 -20.36 -8.93 31.22
N PRO A 531 -20.18 -7.72 30.68
CA PRO A 531 -19.17 -7.54 29.62
C PRO A 531 -17.80 -7.94 30.17
N THR A 532 -16.99 -8.55 29.31
CA THR A 532 -15.74 -9.15 29.72
C THR A 532 -14.55 -8.67 28.91
N GLN A 533 -13.38 -8.62 29.57
CA GLN A 533 -12.14 -8.20 28.91
C GLN A 533 -10.94 -8.78 29.65
N THR A 534 -9.90 -9.17 28.90
CA THR A 534 -8.64 -9.54 29.53
C THR A 534 -7.88 -8.28 29.95
N VAL A 535 -6.99 -8.43 30.92
CA VAL A 535 -6.18 -7.30 31.35
C VAL A 535 -5.41 -6.71 30.17
N ASP A 536 -4.80 -7.59 29.36
CA ASP A 536 -3.97 -7.13 28.25
C ASP A 536 -4.80 -6.39 27.21
N SER A 537 -6.03 -6.82 26.98
CA SER A 537 -6.89 -6.14 26.02
C SER A 537 -7.62 -4.94 26.61
N SER A 538 -7.58 -4.76 27.92
CA SER A 538 -8.20 -3.61 28.56
C SER A 538 -7.30 -2.39 28.60
N GLN A 539 -6.00 -2.55 28.30
CA GLN A 539 -5.08 -1.43 28.32
C GLN A 539 -5.55 -0.32 27.39
N GLY A 540 -5.57 0.90 27.91
CA GLY A 540 -6.07 2.05 27.18
C GLY A 540 -7.53 2.36 27.38
N SER A 541 -8.30 1.46 27.97
CA SER A 541 -9.72 1.67 28.23
C SER A 541 -9.94 2.08 29.68
N GLU A 542 -11.13 2.63 29.94
CA GLU A 542 -11.53 3.00 31.28
C GLU A 542 -13.02 2.73 31.43
N TYR A 543 -13.41 2.30 32.64
CA TYR A 543 -14.79 1.95 32.96
C TYR A 543 -15.11 2.42 34.37
N ASP A 544 -16.39 2.70 34.59
CA ASP A 544 -16.82 3.19 35.91
C ASP A 544 -16.56 2.16 36.99
N TYR A 545 -16.98 0.92 36.76
CA TYR A 545 -16.84 -0.13 37.74
C TYR A 545 -16.12 -1.31 37.12
N VAL A 546 -15.17 -1.88 37.85
CA VAL A 546 -14.36 -2.99 37.38
C VAL A 546 -14.42 -4.09 38.43
N ILE A 547 -14.56 -5.33 37.97
CA ILE A 547 -14.45 -6.50 38.84
C ILE A 547 -13.31 -7.34 38.32
N PHE A 548 -12.33 -7.62 39.19
CA PHE A 548 -11.11 -8.30 38.82
C PHE A 548 -10.94 -9.55 39.69
N THR A 549 -10.77 -10.69 39.03
CA THR A 549 -10.39 -11.93 39.70
C THR A 549 -9.00 -12.31 39.21
N GLN A 550 -8.09 -12.51 40.15
CA GLN A 550 -6.72 -12.87 39.81
C GLN A 550 -6.62 -14.29 39.26
N THR A 551 -7.61 -15.13 39.56
CA THR A 551 -7.71 -16.50 39.05
C THR A 551 -6.63 -17.41 39.62
N THR A 552 -5.36 -17.07 39.41
CA THR A 552 -4.26 -17.88 39.88
C THR A 552 -3.25 -16.99 40.61
N GLU A 553 -2.22 -17.62 41.16
CA GLU A 553 -1.10 -16.89 41.73
C GLU A 553 0.19 -17.19 40.99
N THR A 554 0.16 -17.06 39.66
CA THR A 554 1.31 -17.30 38.82
C THR A 554 2.11 -16.03 38.58
N ALA A 555 3.26 -16.19 37.92
CA ALA A 555 4.03 -15.02 37.48
C ALA A 555 3.25 -14.17 36.48
N HIS A 556 2.42 -14.81 35.66
CA HIS A 556 1.59 -14.07 34.71
C HIS A 556 0.57 -13.21 35.44
N SER A 557 -0.11 -13.78 36.43
CA SER A 557 -1.17 -13.08 37.16
C SER A 557 -0.64 -12.17 38.26
N CYS A 558 0.63 -12.28 38.62
CA CYS A 558 1.23 -11.43 39.63
C CYS A 558 2.14 -10.36 39.05
N ASN A 559 2.27 -10.30 37.73
CA ASN A 559 3.12 -9.31 37.08
C ASN A 559 2.67 -7.91 37.48
N VAL A 560 3.60 -7.10 38.00
CA VAL A 560 3.23 -5.80 38.53
C VAL A 560 2.71 -4.89 37.44
N ASN A 561 3.23 -5.02 36.21
CA ASN A 561 2.72 -4.20 35.12
C ASN A 561 1.29 -4.60 34.77
N ARG A 562 1.03 -5.91 34.65
CA ARG A 562 -0.32 -6.39 34.39
C ARG A 562 -1.28 -5.93 35.48
N PHE A 563 -0.87 -6.08 36.75
CA PHE A 563 -1.72 -5.66 37.86
C PHE A 563 -1.94 -4.16 37.84
N ASN A 564 -0.90 -3.39 37.54
CA ASN A 564 -1.04 -1.94 37.48
C ASN A 564 -2.09 -1.56 36.43
N VAL A 565 -2.04 -2.19 35.26
CA VAL A 565 -3.03 -1.92 34.23
C VAL A 565 -4.42 -2.34 34.70
N ALA A 566 -4.52 -3.51 35.33
CA ALA A 566 -5.82 -4.07 35.68
C ALA A 566 -6.61 -3.12 36.57
N ILE A 567 -5.99 -2.63 37.64
CA ILE A 567 -6.72 -1.87 38.65
C ILE A 567 -6.83 -0.38 38.34
N THR A 568 -6.09 0.12 37.35
CA THR A 568 -6.23 1.52 36.94
C THR A 568 -7.23 1.71 35.80
N ARG A 569 -8.09 0.73 35.56
CA ARG A 569 -9.18 0.91 34.59
C ARG A 569 -10.42 1.53 35.22
N ALA A 570 -10.52 1.53 36.54
CA ALA A 570 -11.74 1.97 37.22
C ALA A 570 -11.73 3.48 37.42
N LYS A 571 -12.91 4.08 37.23
CA LYS A 571 -13.14 5.50 37.51
C LYS A 571 -13.82 5.74 38.84
N VAL A 572 -14.60 4.78 39.33
CA VAL A 572 -15.42 4.96 40.51
C VAL A 572 -15.13 3.88 41.54
N GLY A 573 -15.30 2.62 41.15
CA GLY A 573 -15.14 1.53 42.08
C GLY A 573 -14.47 0.33 41.42
N ILE A 574 -13.85 -0.49 42.27
CA ILE A 574 -13.22 -1.73 41.83
C ILE A 574 -13.38 -2.76 42.93
N LEU A 575 -13.55 -4.01 42.52
CA LEU A 575 -13.54 -5.16 43.42
C LEU A 575 -12.47 -6.12 42.95
N CYS A 576 -11.55 -6.46 43.84
CA CYS A 576 -10.44 -7.35 43.53
C CYS A 576 -10.58 -8.62 44.35
N ILE A 577 -10.77 -9.74 43.66
CA ILE A 577 -10.68 -11.06 44.28
C ILE A 577 -9.25 -11.52 44.08
N MET A 578 -8.50 -11.59 45.17
CA MET A 578 -7.05 -11.80 45.12
C MET A 578 -6.70 -13.25 45.40
N SER A 579 -5.68 -13.73 44.72
CA SER A 579 -5.07 -15.01 45.07
C SER A 579 -3.70 -14.85 45.73
N ASP A 580 -3.02 -13.74 45.50
CA ASP A 580 -1.67 -13.47 46.02
C ASP A 580 -1.74 -12.55 47.25
N ARG A 581 -1.25 -13.07 48.41
CA ARG A 581 -1.30 -12.31 49.65
C ARG A 581 -0.51 -11.00 49.58
N ASP A 582 0.64 -11.03 48.90
CA ASP A 582 1.47 -9.85 48.74
C ASP A 582 0.66 -8.76 48.04
N LEU A 583 0.20 -9.05 46.82
CA LEU A 583 -0.54 -8.00 46.13
C LEU A 583 -1.84 -7.70 46.86
N TYR A 584 -2.42 -8.69 47.54
CA TYR A 584 -3.62 -8.41 48.31
C TYR A 584 -3.35 -7.41 49.42
N ASP A 585 -2.24 -7.59 50.14
CA ASP A 585 -1.88 -6.71 51.24
C ASP A 585 -1.50 -5.32 50.74
N LYS A 586 -0.93 -5.24 49.54
CA LYS A 586 -0.55 -3.94 48.99
C LYS A 586 -1.75 -3.14 48.51
N LEU A 587 -2.90 -3.78 48.33
CA LEU A 587 -4.09 -3.06 47.91
C LEU A 587 -4.58 -2.23 49.09
N GLN A 588 -4.62 -0.92 48.92
CA GLN A 588 -5.11 -0.04 49.98
C GLN A 588 -6.63 0.11 49.91
N PHE A 589 -7.32 -1.02 49.87
CA PHE A 589 -8.76 -1.05 49.73
C PHE A 589 -9.39 -1.56 51.02
N THR A 590 -10.70 -1.38 51.13
CA THR A 590 -11.44 -1.92 52.25
C THR A 590 -11.68 -3.41 51.99
N SER A 591 -11.39 -4.24 52.99
CA SER A 591 -11.56 -5.67 52.81
C SER A 591 -12.98 -6.11 53.10
N LEU A 592 -13.49 -7.05 52.29
CA LEU A 592 -14.85 -7.54 52.49
C LEU A 592 -14.80 -9.01 52.87
N GLU A 593 -15.71 -9.43 53.75
CA GLU A 593 -15.77 -10.79 54.23
C GLU A 593 -16.85 -11.61 53.52
N ILE A 594 -16.59 -12.89 53.32
CA ILE A 594 -17.59 -13.82 52.76
C ILE A 594 -17.07 -15.21 53.05
N VAL B 4 2.33 26.65 2.40
CA VAL B 4 3.37 27.33 1.64
C VAL B 4 4.01 26.38 0.64
N GLY B 5 4.09 26.80 -0.62
CA GLY B 5 4.63 25.95 -1.66
C GLY B 5 5.08 26.76 -2.86
N ALA B 6 5.25 26.08 -3.99
CA ALA B 6 5.78 26.71 -5.18
C ALA B 6 4.67 26.88 -6.21
N CYS B 7 4.65 28.03 -6.88
CA CYS B 7 3.60 28.29 -7.86
C CYS B 7 3.75 27.32 -9.05
N VAL B 8 2.63 26.80 -9.53
CA VAL B 8 2.60 25.85 -10.63
C VAL B 8 2.98 26.51 -11.95
N LEU B 9 3.21 27.81 -11.93
CA LEU B 9 3.55 28.48 -13.16
C LEU B 9 4.93 29.10 -13.10
N CYS B 10 5.35 29.57 -11.94
CA CYS B 10 6.61 30.28 -11.79
C CYS B 10 7.53 29.69 -10.73
N ASN B 11 7.11 28.64 -10.03
CA ASN B 11 7.94 27.98 -9.03
C ASN B 11 8.32 28.93 -7.91
N SER B 12 7.71 30.11 -7.92
CA SER B 12 7.96 31.16 -6.94
C SER B 12 7.22 30.78 -5.69
N GLN B 13 7.91 30.84 -4.56
CA GLN B 13 7.29 30.38 -3.33
C GLN B 13 6.09 31.28 -3.02
N THR B 14 5.07 30.67 -2.41
CA THR B 14 3.85 31.42 -2.10
C THR B 14 3.13 30.69 -0.98
N SER B 15 2.17 31.39 -0.37
CA SER B 15 1.34 30.81 0.66
C SER B 15 -0.12 30.75 0.21
N LEU B 16 -0.37 30.89 -1.08
CA LEU B 16 -1.72 30.96 -1.62
C LEU B 16 -2.05 29.74 -2.47
N ARG B 17 -3.26 29.24 -2.31
CA ARG B 17 -3.79 28.18 -3.16
C ARG B 17 -5.15 28.62 -3.69
N CYS B 18 -5.58 27.99 -4.78
CA CYS B 18 -6.89 28.24 -5.37
C CYS B 18 -7.84 27.18 -4.85
N GLY B 19 -8.81 27.61 -4.03
CA GLY B 19 -9.81 26.70 -3.51
C GLY B 19 -10.82 26.23 -4.54
N ALA B 20 -10.93 26.93 -5.68
CA ALA B 20 -11.90 26.52 -6.69
C ALA B 20 -11.34 25.43 -7.60
N CYS B 21 -10.03 25.44 -7.86
CA CYS B 21 -9.40 24.39 -8.63
C CYS B 21 -9.49 23.05 -7.88
N ILE B 22 -9.68 21.97 -8.64
CA ILE B 22 -9.86 20.66 -8.04
C ILE B 22 -8.58 20.14 -7.38
N ARG B 23 -7.42 20.65 -7.80
CA ARG B 23 -6.14 20.23 -7.25
C ARG B 23 -5.58 21.23 -6.24
N ARG B 24 -6.23 22.37 -6.07
CA ARG B 24 -5.78 23.39 -5.12
C ARG B 24 -4.30 23.68 -5.31
N PRO B 25 -3.89 24.13 -6.49
CA PRO B 25 -2.46 24.35 -6.72
C PRO B 25 -1.99 25.62 -6.03
N PHE B 26 -0.68 25.66 -5.78
CA PHE B 26 -0.07 26.85 -5.23
C PHE B 26 0.09 27.88 -6.32
N LEU B 27 -0.30 29.11 -6.03
CA LEU B 27 -0.21 30.20 -6.98
C LEU B 27 0.48 31.39 -6.31
N CYS B 28 1.38 32.04 -7.06
CA CYS B 28 2.12 33.18 -6.55
C CYS B 28 1.24 34.41 -6.55
N CYS B 29 1.72 35.45 -5.88
CA CYS B 29 0.93 36.68 -5.72
C CYS B 29 0.49 37.23 -7.07
N LYS B 30 1.38 37.23 -8.07
CA LYS B 30 1.01 37.69 -9.40
C LYS B 30 0.15 36.67 -10.14
N CYS B 31 0.53 35.39 -10.09
CA CYS B 31 -0.22 34.37 -10.85
C CYS B 31 -1.61 34.14 -10.26
N CYS B 32 -1.73 34.12 -8.94
CA CYS B 32 -3.04 33.96 -8.33
C CYS B 32 -3.96 35.12 -8.70
N TYR B 33 -3.40 36.32 -8.81
CA TYR B 33 -4.19 37.47 -9.27
C TYR B 33 -4.68 37.26 -10.69
N ASP B 34 -3.76 36.91 -11.60
CA ASP B 34 -4.12 36.72 -12.99
C ASP B 34 -5.11 35.58 -13.20
N HIS B 35 -5.22 34.66 -12.23
CA HIS B 35 -6.15 33.55 -12.37
C HIS B 35 -7.55 33.95 -11.91
N VAL B 36 -7.65 34.77 -10.87
CA VAL B 36 -8.96 35.09 -10.31
C VAL B 36 -9.68 36.20 -11.08
N ILE B 37 -8.96 37.08 -11.77
CA ILE B 37 -9.64 38.17 -12.47
C ILE B 37 -10.07 37.78 -13.87
N SER B 38 -9.62 36.62 -14.37
CA SER B 38 -9.91 36.18 -15.72
C SER B 38 -10.74 34.91 -15.77
N THR B 39 -11.07 34.33 -14.62
CA THR B 39 -11.90 33.14 -14.53
C THR B 39 -12.93 33.33 -13.41
N SER B 40 -13.81 32.35 -13.25
CA SER B 40 -14.75 32.33 -12.15
C SER B 40 -14.14 31.86 -10.84
N HIS B 41 -12.89 31.42 -10.84
CA HIS B 41 -12.24 30.96 -9.62
C HIS B 41 -11.92 32.16 -8.74
N LYS B 42 -12.62 32.28 -7.62
CA LYS B 42 -12.46 33.43 -6.72
C LYS B 42 -12.07 33.07 -5.30
N LEU B 43 -12.11 31.79 -4.92
CA LEU B 43 -11.75 31.40 -3.57
C LEU B 43 -10.24 31.17 -3.49
N VAL B 44 -9.56 31.92 -2.62
CA VAL B 44 -8.13 31.80 -2.42
C VAL B 44 -7.88 31.22 -1.04
N LEU B 45 -6.99 30.24 -0.95
CA LEU B 45 -6.70 29.54 0.28
C LEU B 45 -5.29 29.83 0.76
N SER B 46 -5.15 30.21 2.03
CA SER B 46 -3.86 30.47 2.65
C SER B 46 -3.83 29.64 3.93
N VAL B 47 -2.99 30.04 4.88
CA VAL B 47 -2.97 29.40 6.20
C VAL B 47 -4.40 29.23 6.66
N ASN B 48 -5.17 30.31 6.56
CA ASN B 48 -6.59 30.30 6.80
C ASN B 48 -7.29 30.66 5.49
N PRO B 49 -8.50 30.16 5.27
CA PRO B 49 -9.23 30.51 4.05
C PRO B 49 -9.55 32.00 4.00
N TYR B 50 -9.34 32.57 2.81
CA TYR B 50 -9.70 33.96 2.59
C TYR B 50 -11.21 34.12 2.50
N VAL B 51 -11.85 34.27 3.65
CA VAL B 51 -13.30 34.43 3.75
C VAL B 51 -13.57 35.54 4.75
N CYS B 52 -14.76 36.13 4.65
CA CYS B 52 -15.15 37.15 5.60
C CYS B 52 -15.42 36.52 6.96
N ASN B 53 -14.66 36.95 7.98
CA ASN B 53 -14.77 36.37 9.31
C ASN B 53 -15.89 37.00 10.13
N ALA B 54 -16.64 37.94 9.55
CA ALA B 54 -17.77 38.55 10.23
C ALA B 54 -18.87 37.52 10.45
N PRO B 55 -19.59 37.61 11.56
CA PRO B 55 -20.61 36.59 11.87
C PRO B 55 -21.73 36.59 10.84
N GLY B 56 -21.91 35.45 10.18
CA GLY B 56 -22.99 35.26 9.22
C GLY B 56 -22.68 35.62 7.79
N CYS B 57 -21.45 36.04 7.48
CA CYS B 57 -21.09 36.43 6.13
C CYS B 57 -20.53 35.25 5.35
N ASP B 58 -21.01 35.10 4.11
CA ASP B 58 -20.60 34.01 3.22
C ASP B 58 -19.73 34.48 2.06
N VAL B 59 -19.14 35.68 2.18
CA VAL B 59 -18.31 36.23 1.11
C VAL B 59 -17.00 35.47 1.03
N THR B 60 -16.78 34.81 -0.11
CA THR B 60 -15.55 34.08 -0.37
C THR B 60 -14.75 34.63 -1.54
N ASP B 61 -15.29 35.61 -2.26
CA ASP B 61 -14.60 36.19 -3.41
C ASP B 61 -13.45 37.06 -2.94
N VAL B 62 -12.23 36.71 -3.36
CA VAL B 62 -11.03 37.41 -2.92
C VAL B 62 -11.03 38.85 -3.41
N THR B 63 -11.71 39.14 -4.51
CA THR B 63 -11.80 40.51 -4.99
C THR B 63 -12.70 41.38 -4.13
N GLN B 64 -13.50 40.78 -3.24
CA GLN B 64 -14.37 41.53 -2.35
C GLN B 64 -13.89 41.49 -0.91
N LEU B 65 -12.62 41.15 -0.68
CA LEU B 65 -12.11 40.93 0.68
C LEU B 65 -10.92 41.84 0.99
N TYR B 66 -10.82 42.22 2.26
CA TYR B 66 -9.77 43.10 2.76
C TYR B 66 -9.15 42.49 4.01
N LEU B 67 -7.97 42.98 4.36
CA LEU B 67 -7.26 42.56 5.57
C LEU B 67 -7.38 43.66 6.62
N GLY B 68 -8.06 43.35 7.73
CA GLY B 68 -8.12 44.29 8.83
C GLY B 68 -7.67 43.60 10.11
N GLY B 69 -6.49 43.99 10.59
CA GLY B 69 -5.90 43.31 11.73
C GLY B 69 -5.26 42.05 11.22
N MET B 70 -5.66 40.90 11.78
CA MET B 70 -5.21 39.59 11.33
C MET B 70 -6.36 38.77 10.74
N SER B 71 -7.53 39.37 10.55
CA SER B 71 -8.68 38.66 10.01
C SER B 71 -9.09 39.29 8.68
N TYR B 72 -9.99 38.63 7.97
CA TYR B 72 -10.40 39.08 6.64
C TYR B 72 -11.88 39.46 6.64
N TYR B 73 -12.21 40.55 5.94
CA TYR B 73 -13.59 41.01 5.89
C TYR B 73 -13.92 41.52 4.49
N CYS B 74 -15.21 41.63 4.22
CA CYS B 74 -15.70 42.16 2.96
C CYS B 74 -15.87 43.68 3.07
N LYS B 75 -16.40 44.28 2.00
CA LYS B 75 -16.62 45.72 2.01
C LYS B 75 -17.63 46.13 3.04
N SER B 76 -18.57 45.24 3.36
CA SER B 76 -19.64 45.56 4.28
C SER B 76 -19.26 45.32 5.73
N HIS B 77 -18.08 44.75 5.98
CA HIS B 77 -17.63 44.43 7.34
C HIS B 77 -16.20 44.86 7.63
N LYS B 78 -15.49 45.45 6.67
CA LYS B 78 -14.09 45.78 6.89
C LYS B 78 -13.96 46.94 7.88
N PRO B 79 -12.90 46.92 8.70
CA PRO B 79 -12.67 48.03 9.63
C PRO B 79 -12.15 49.25 8.89
N PRO B 80 -12.17 50.42 9.53
CA PRO B 80 -11.68 51.62 8.83
C PRO B 80 -10.26 51.48 8.30
N ILE B 81 -9.37 50.82 9.02
CA ILE B 81 -8.00 50.61 8.56
C ILE B 81 -7.91 49.24 7.92
N SER B 82 -7.93 49.19 6.58
CA SER B 82 -7.90 47.92 5.88
C SER B 82 -7.37 48.10 4.47
N PHE B 83 -6.71 47.06 3.94
CA PHE B 83 -6.24 47.12 2.56
C PHE B 83 -6.80 45.89 1.86
N PRO B 84 -7.10 45.98 0.56
CA PRO B 84 -7.73 44.85 -0.14
C PRO B 84 -6.76 43.71 -0.38
N LEU B 85 -7.27 42.49 -0.26
CA LEU B 85 -6.43 41.34 -0.57
C LEU B 85 -6.07 41.26 -2.05
N CYS B 86 -6.95 41.71 -2.95
CA CYS B 86 -6.74 41.56 -4.39
C CYS B 86 -6.64 42.98 -4.97
N ALA B 87 -5.43 43.45 -5.21
CA ALA B 87 -5.22 44.79 -5.76
C ALA B 87 -3.81 44.93 -6.30
N ASN B 88 -3.60 45.93 -7.16
CA ASN B 88 -2.29 46.20 -7.74
C ASN B 88 -1.71 45.02 -8.52
N GLY B 89 -2.58 44.21 -9.10
CA GLY B 89 -2.18 43.03 -9.83
C GLY B 89 -1.62 41.89 -9.01
N GLN B 90 -1.91 41.86 -7.71
CA GLN B 90 -1.38 40.83 -6.82
C GLN B 90 -2.46 40.46 -5.81
N VAL B 91 -2.44 39.21 -5.38
CA VAL B 91 -3.25 38.77 -4.24
C VAL B 91 -2.32 38.77 -3.03
N PHE B 92 -2.81 39.29 -1.90
CA PHE B 92 -1.95 39.41 -0.74
C PHE B 92 -1.49 38.05 -0.24
N GLY B 93 -0.17 37.86 -0.15
CA GLY B 93 0.40 36.65 0.38
C GLY B 93 1.85 36.86 0.77
N LEU B 94 2.52 35.76 1.10
CA LEU B 94 3.93 35.77 1.45
C LEU B 94 4.79 35.80 0.19
N TYR B 95 6.03 36.22 0.35
CA TYR B 95 6.99 36.33 -0.76
C TYR B 95 6.43 37.21 -1.87
N LYS B 96 5.78 38.30 -1.47
CA LYS B 96 5.18 39.26 -2.39
C LYS B 96 6.22 39.97 -3.24
N ASN B 97 7.49 39.88 -2.87
CA ASN B 97 8.57 40.51 -3.62
C ASN B 97 9.35 39.52 -4.47
N THR B 98 9.37 38.25 -4.08
CA THR B 98 10.11 37.25 -4.83
C THR B 98 9.25 36.57 -5.88
N CYS B 99 8.01 37.00 -6.06
CA CYS B 99 7.16 36.47 -7.10
C CYS B 99 7.64 36.99 -8.46
N VAL B 100 7.43 36.21 -9.52
CA VAL B 100 7.98 36.55 -10.83
C VAL B 100 6.90 36.83 -11.88
N GLY B 101 6.02 35.88 -12.12
CA GLY B 101 4.97 36.00 -13.12
C GLY B 101 5.17 35.02 -14.27
N SER B 102 4.26 35.12 -15.25
CA SER B 102 4.31 34.22 -16.40
C SER B 102 3.55 34.85 -17.56
N ASP B 103 3.54 34.13 -18.69
CA ASP B 103 2.75 34.51 -19.85
C ASP B 103 1.84 33.40 -20.36
N ASN B 104 1.94 32.20 -19.80
CA ASN B 104 1.07 31.07 -20.15
C ASN B 104 -0.08 30.94 -19.16
N VAL B 105 -0.58 32.07 -18.66
CA VAL B 105 -1.72 32.06 -17.75
C VAL B 105 -2.99 31.63 -18.48
N THR B 106 -3.13 32.03 -19.75
CA THR B 106 -4.30 31.58 -20.51
C THR B 106 -4.34 30.06 -20.64
N ASP B 107 -3.17 29.41 -20.78
CA ASP B 107 -3.20 27.95 -20.86
C ASP B 107 -3.66 27.38 -19.53
N PHE B 108 -3.06 27.85 -18.42
CA PHE B 108 -3.43 27.35 -17.11
C PHE B 108 -4.92 27.51 -16.85
N ASN B 109 -5.49 28.63 -17.29
CA ASN B 109 -6.91 28.88 -17.10
C ASN B 109 -7.75 27.83 -17.79
N ALA B 110 -7.36 27.45 -19.02
CA ALA B 110 -8.13 26.48 -19.77
C ALA B 110 -8.08 25.11 -19.12
N ILE B 111 -6.88 24.69 -18.69
CA ILE B 111 -6.75 23.41 -18.01
C ILE B 111 -7.55 23.41 -16.72
N ALA B 112 -7.55 24.54 -16.02
CA ALA B 112 -8.19 24.62 -14.71
C ALA B 112 -9.70 24.61 -14.80
N THR B 113 -10.29 25.04 -15.92
CA THR B 113 -11.72 25.24 -16.01
C THR B 113 -12.42 24.30 -16.98
N CYS B 114 -11.70 23.61 -17.86
CA CYS B 114 -12.35 22.71 -18.80
C CYS B 114 -12.92 21.51 -18.06
N ASP B 115 -13.87 20.84 -18.72
CA ASP B 115 -14.50 19.64 -18.16
C ASP B 115 -13.96 18.36 -18.78
N TRP B 116 -12.98 18.45 -19.67
CA TRP B 116 -12.31 17.29 -20.24
C TRP B 116 -13.25 16.41 -21.06
N THR B 117 -14.26 17.01 -21.69
CA THR B 117 -15.13 16.27 -22.59
C THR B 117 -14.82 16.50 -24.06
N ASN B 118 -13.99 17.48 -24.39
CA ASN B 118 -13.61 17.75 -25.77
C ASN B 118 -12.16 17.31 -26.00
N ALA B 119 -11.89 16.87 -27.22
CA ALA B 119 -10.54 16.44 -27.57
C ALA B 119 -9.55 17.60 -27.51
N GLY B 120 -10.02 18.83 -27.74
CA GLY B 120 -9.14 19.99 -27.64
C GLY B 120 -8.54 20.18 -26.26
N ASP B 121 -9.23 19.70 -25.23
CA ASP B 121 -8.67 19.76 -23.88
C ASP B 121 -7.44 18.86 -23.77
N TYR B 122 -7.50 17.67 -24.35
CA TYR B 122 -6.37 16.75 -24.31
C TYR B 122 -5.24 17.20 -25.22
N ILE B 123 -5.58 17.91 -26.30
CA ILE B 123 -4.55 18.47 -27.17
C ILE B 123 -3.75 19.53 -26.42
N LEU B 124 -4.44 20.42 -25.72
CA LEU B 124 -3.75 21.43 -24.94
C LEU B 124 -2.92 20.81 -23.82
N ALA B 125 -3.40 19.72 -23.23
CA ALA B 125 -2.66 19.08 -22.15
C ALA B 125 -1.37 18.42 -22.61
N ASN B 126 -1.12 18.35 -23.91
CA ASN B 126 0.10 17.76 -24.44
C ASN B 126 0.96 18.73 -25.23
N THR B 127 0.45 19.92 -25.53
CA THR B 127 1.17 20.95 -26.27
C THR B 127 1.58 22.13 -25.39
N CYS B 128 1.26 22.11 -24.11
CA CYS B 128 1.57 23.20 -23.21
C CYS B 128 2.99 23.03 -22.67
N THR B 129 3.39 23.88 -21.72
CA THR B 129 4.68 23.71 -21.09
C THR B 129 4.68 22.43 -20.25
N GLU B 130 5.89 22.00 -19.88
CA GLU B 130 6.03 20.72 -19.20
C GLU B 130 5.32 20.72 -17.86
N ARG B 131 5.41 21.83 -17.14
CA ARG B 131 4.78 21.89 -15.83
C ARG B 131 3.26 21.96 -15.93
N LEU B 132 2.73 22.56 -17.00
CA LEU B 132 1.29 22.52 -17.20
C LEU B 132 0.81 21.12 -17.57
N LYS B 133 1.68 20.32 -18.19
CA LYS B 133 1.35 18.92 -18.44
C LYS B 133 1.15 18.16 -17.14
N LEU B 134 2.02 18.41 -16.15
CA LEU B 134 1.87 17.77 -14.86
C LEU B 134 0.58 18.23 -14.18
N PHE B 135 0.28 19.53 -14.25
CA PHE B 135 -0.95 20.02 -13.64
C PHE B 135 -2.18 19.48 -14.37
N ALA B 136 -2.12 19.39 -15.70
CA ALA B 136 -3.25 18.89 -16.48
C ALA B 136 -3.54 17.42 -16.20
N ALA B 137 -2.50 16.59 -16.13
CA ALA B 137 -2.70 15.18 -15.83
C ALA B 137 -3.30 14.99 -14.45
N GLU B 138 -2.85 15.79 -13.47
CA GLU B 138 -3.43 15.72 -12.13
C GLU B 138 -4.91 16.12 -12.15
N THR B 139 -5.23 17.25 -12.78
CA THR B 139 -6.61 17.72 -12.82
C THR B 139 -7.51 16.72 -13.53
N LEU B 140 -7.03 16.12 -14.62
CA LEU B 140 -7.85 15.16 -15.37
C LEU B 140 -8.15 13.93 -14.53
N LYS B 141 -7.11 13.31 -13.95
CA LYS B 141 -7.34 12.13 -13.13
C LYS B 141 -8.23 12.46 -11.93
N ALA B 142 -8.02 13.63 -11.33
CA ALA B 142 -8.90 14.03 -10.22
C ALA B 142 -10.34 14.23 -10.70
N THR B 143 -10.53 14.88 -11.85
CA THR B 143 -11.87 15.03 -12.40
C THR B 143 -12.46 13.67 -12.77
N GLU B 144 -11.60 12.79 -13.28
CA GLU B 144 -12.03 11.45 -13.64
C GLU B 144 -12.50 10.67 -12.43
N GLU B 145 -11.78 10.80 -11.32
CA GLU B 145 -12.10 10.01 -10.15
C GLU B 145 -13.45 10.49 -9.60
N THR B 146 -13.61 11.81 -9.54
CA THR B 146 -14.79 12.46 -8.98
C THR B 146 -16.06 12.09 -9.75
N PHE B 147 -15.99 12.04 -11.10
CA PHE B 147 -17.19 11.77 -11.90
C PHE B 147 -17.75 10.42 -11.51
N LYS B 148 -16.86 9.51 -11.15
CA LYS B 148 -17.25 8.16 -10.75
C LYS B 148 -18.27 8.23 -9.64
N LEU B 149 -18.10 9.16 -8.71
CA LEU B 149 -19.03 9.25 -7.59
C LEU B 149 -20.37 9.79 -8.03
N SER B 150 -20.52 10.22 -9.29
CA SER B 150 -21.80 10.80 -9.67
C SER B 150 -22.75 9.64 -9.95
N TYR B 151 -22.18 8.49 -10.33
CA TYR B 151 -22.92 7.27 -10.66
C TYR B 151 -23.68 6.71 -9.46
N GLY B 152 -24.84 6.10 -9.72
CA GLY B 152 -25.63 5.52 -8.65
C GLY B 152 -25.05 4.20 -8.15
N ILE B 153 -25.56 3.74 -7.01
CA ILE B 153 -25.08 2.49 -6.44
C ILE B 153 -26.00 1.41 -6.97
N ALA B 154 -25.48 0.19 -7.12
CA ALA B 154 -26.25 -0.94 -7.62
C ALA B 154 -26.25 -1.95 -6.49
N THR B 155 -27.45 -2.35 -6.07
CA THR B 155 -27.69 -3.27 -4.97
C THR B 155 -28.34 -4.54 -5.50
N VAL B 156 -27.86 -5.72 -5.09
CA VAL B 156 -28.46 -6.91 -5.67
C VAL B 156 -29.88 -7.07 -5.12
N ARG B 157 -30.86 -7.09 -6.04
CA ARG B 157 -32.27 -7.30 -5.72
C ARG B 157 -32.56 -8.78 -5.48
N GLU B 158 -32.04 -9.63 -6.37
CA GLU B 158 -32.25 -11.07 -6.33
C GLU B 158 -31.13 -11.78 -7.09
N VAL B 159 -30.67 -12.89 -6.53
CA VAL B 159 -29.67 -13.77 -7.13
C VAL B 159 -30.38 -14.88 -7.90
N LEU B 160 -30.28 -14.90 -9.24
CA LEU B 160 -30.91 -16.02 -9.92
C LEU B 160 -30.02 -17.26 -9.90
N SER B 161 -28.73 -17.08 -10.17
CA SER B 161 -27.77 -18.16 -10.27
C SER B 161 -26.37 -17.60 -9.98
N ASP B 162 -25.34 -18.34 -10.38
CA ASP B 162 -23.94 -18.08 -10.08
C ASP B 162 -23.23 -17.20 -11.11
N ARG B 163 -23.91 -16.76 -12.17
CA ARG B 163 -23.26 -15.93 -13.18
C ARG B 163 -24.13 -14.79 -13.71
N GLU B 164 -25.40 -14.67 -13.29
CA GLU B 164 -26.30 -13.58 -13.65
C GLU B 164 -26.92 -13.03 -12.36
N LEU B 165 -27.51 -11.84 -12.43
CA LEU B 165 -28.09 -11.20 -11.23
C LEU B 165 -29.24 -10.23 -11.54
N HIS B 166 -30.05 -9.92 -10.51
CA HIS B 166 -31.10 -8.91 -10.65
C HIS B 166 -30.68 -7.71 -9.80
N LEU B 167 -30.51 -6.56 -10.45
CA LEU B 167 -29.97 -5.40 -9.75
C LEU B 167 -30.97 -4.26 -9.60
N SER B 168 -30.80 -3.47 -8.54
CA SER B 168 -31.59 -2.28 -8.27
C SER B 168 -30.68 -1.07 -8.12
N TRP B 169 -31.04 0.06 -8.71
CA TRP B 169 -30.13 1.19 -8.73
C TRP B 169 -30.57 2.27 -7.74
N GLU B 170 -29.67 3.24 -7.53
CA GLU B 170 -29.96 4.32 -6.60
C GLU B 170 -30.80 5.39 -7.27
N VAL B 171 -31.67 6.03 -6.50
CA VAL B 171 -32.56 7.04 -7.07
C VAL B 171 -31.77 8.33 -7.22
N GLY B 172 -31.97 9.06 -8.31
CA GLY B 172 -31.39 10.37 -8.42
C GLY B 172 -30.08 10.47 -9.19
N LYS B 173 -29.42 9.34 -9.43
CA LYS B 173 -28.13 9.39 -10.07
C LYS B 173 -28.14 8.51 -11.31
N PRO B 174 -27.36 8.85 -12.34
CA PRO B 174 -27.36 8.05 -13.57
C PRO B 174 -26.70 6.70 -13.36
N ARG B 175 -26.92 5.83 -14.34
CA ARG B 175 -26.37 4.47 -14.41
C ARG B 175 -25.12 4.47 -15.25
N PRO B 176 -24.02 3.87 -14.81
CA PRO B 176 -22.83 3.79 -15.65
C PRO B 176 -22.98 2.70 -16.70
N PRO B 177 -22.43 2.91 -17.90
CA PRO B 177 -22.53 1.89 -18.94
C PRO B 177 -21.90 0.57 -18.48
N LEU B 178 -22.49 -0.52 -18.94
CA LEU B 178 -22.10 -1.87 -18.50
C LEU B 178 -21.17 -2.47 -19.53
N ASN B 179 -19.87 -2.20 -19.38
CA ASN B 179 -18.86 -2.79 -20.23
C ASN B 179 -17.60 -3.08 -19.41
N ARG B 180 -16.48 -3.33 -20.10
CA ARG B 180 -15.24 -3.68 -19.42
C ARG B 180 -14.48 -2.46 -18.91
N ASN B 181 -14.73 -1.29 -19.49
CA ASN B 181 -14.06 -0.05 -19.07
C ASN B 181 -14.48 0.39 -17.68
N TYR B 182 -15.59 -0.11 -17.17
CA TYR B 182 -16.11 0.28 -15.86
C TYR B 182 -16.08 -0.94 -14.95
N VAL B 183 -15.14 -0.96 -14.01
CA VAL B 183 -14.94 -2.07 -13.09
C VAL B 183 -15.50 -1.67 -11.73
N PHE B 184 -16.39 -2.48 -11.20
CA PHE B 184 -17.05 -2.21 -9.93
C PHE B 184 -16.40 -3.04 -8.84
N THR B 185 -16.54 -2.56 -7.61
CA THR B 185 -16.12 -3.24 -6.39
C THR B 185 -17.36 -3.55 -5.56
N GLY B 186 -17.53 -4.82 -5.16
CA GLY B 186 -18.69 -5.17 -4.35
C GLY B 186 -18.40 -5.11 -2.85
N TYR B 187 -19.47 -4.93 -2.08
CA TYR B 187 -19.34 -4.82 -0.64
C TYR B 187 -20.46 -5.59 0.07
N ARG B 188 -20.14 -6.22 1.21
CA ARG B 188 -21.15 -6.88 2.03
C ARG B 188 -21.33 -6.09 3.32
N VAL B 189 -22.55 -5.59 3.57
CA VAL B 189 -22.78 -4.73 4.73
C VAL B 189 -22.61 -5.54 6.01
N THR B 190 -21.88 -4.98 6.97
CA THR B 190 -21.65 -5.60 8.27
C THR B 190 -22.41 -4.78 9.30
N LYS B 191 -22.65 -5.38 10.47
CA LYS B 191 -23.44 -4.73 11.52
C LYS B 191 -23.18 -3.23 11.58
N ASN B 192 -21.92 -2.83 11.66
CA ASN B 192 -21.60 -1.43 11.82
C ASN B 192 -21.08 -0.77 10.54
N SER B 193 -20.49 -1.54 9.63
CA SER B 193 -19.90 -0.98 8.41
C SER B 193 -19.88 -2.06 7.34
N LYS B 194 -19.05 -1.91 6.34
CA LYS B 194 -18.99 -2.82 5.20
C LYS B 194 -17.62 -3.46 5.01
N VAL B 195 -17.57 -4.53 4.18
CA VAL B 195 -16.33 -5.22 3.82
C VAL B 195 -16.31 -5.46 2.31
N GLN B 196 -15.12 -5.43 1.70
CA GLN B 196 -14.98 -5.65 0.26
C GLN B 196 -15.10 -7.14 -0.08
N ILE B 197 -15.55 -7.42 -1.31
CA ILE B 197 -15.75 -8.81 -1.77
C ILE B 197 -15.18 -9.02 -3.17
N GLY B 198 -14.41 -8.07 -3.67
CA GLY B 198 -13.75 -8.21 -4.95
C GLY B 198 -14.27 -7.24 -5.99
N GLU B 199 -13.53 -7.17 -7.11
CA GLU B 199 -13.89 -6.28 -8.21
C GLU B 199 -14.75 -7.04 -9.20
N TYR B 200 -15.77 -6.36 -9.73
CA TYR B 200 -16.76 -6.98 -10.59
C TYR B 200 -16.93 -6.15 -11.85
N THR B 201 -17.37 -6.79 -12.93
CA THR B 201 -17.75 -6.09 -14.15
C THR B 201 -19.09 -6.65 -14.60
N PHE B 202 -19.91 -5.81 -15.23
CA PHE B 202 -21.24 -6.23 -15.62
C PHE B 202 -21.51 -6.01 -17.10
N GLU B 203 -22.45 -6.79 -17.61
CA GLU B 203 -22.89 -6.74 -19.01
C GLU B 203 -24.36 -7.12 -19.03
N LYS B 204 -25.14 -6.45 -19.88
CA LYS B 204 -26.58 -6.74 -19.95
C LYS B 204 -26.82 -8.20 -20.27
N GLY B 205 -27.78 -8.80 -19.57
CA GLY B 205 -28.12 -10.20 -19.77
C GLY B 205 -29.51 -10.42 -20.33
N ALA B 210 -31.74 -8.55 -15.20
CA ALA B 210 -30.87 -9.59 -15.73
C ALA B 210 -29.58 -8.99 -16.29
N VAL B 211 -28.51 -9.08 -15.50
CA VAL B 211 -27.20 -8.59 -15.87
C VAL B 211 -26.17 -9.67 -15.58
N VAL B 212 -25.19 -9.83 -16.47
CA VAL B 212 -24.17 -10.84 -16.30
C VAL B 212 -22.99 -10.20 -15.58
N TYR B 213 -22.58 -10.81 -14.47
CA TYR B 213 -21.46 -10.40 -13.64
C TYR B 213 -20.29 -11.36 -13.79
N ARG B 214 -19.10 -10.81 -14.04
CA ARG B 214 -17.89 -11.60 -14.22
C ARG B 214 -16.91 -10.97 -13.25
N GLY B 215 -16.95 -11.51 -12.02
CA GLY B 215 -16.10 -11.08 -10.93
C GLY B 215 -14.76 -11.76 -10.87
N THR B 216 -13.73 -10.97 -10.58
CA THR B 216 -12.37 -11.49 -10.46
C THR B 216 -12.29 -12.54 -9.36
N THR B 217 -13.03 -12.35 -8.26
CA THR B 217 -13.09 -13.36 -7.20
C THR B 217 -14.39 -14.16 -7.26
N THR B 218 -14.30 -15.43 -6.84
CA THR B 218 -15.40 -16.39 -6.87
C THR B 218 -16.09 -16.45 -5.50
N TYR B 219 -17.32 -15.94 -5.41
CA TYR B 219 -18.05 -15.86 -4.16
C TYR B 219 -19.54 -16.12 -4.37
N LYS B 220 -20.20 -16.51 -3.27
CA LYS B 220 -21.63 -16.78 -3.24
C LYS B 220 -22.24 -15.52 -2.62
N LEU B 221 -22.71 -14.64 -3.49
CA LEU B 221 -23.28 -13.33 -3.22
C LEU B 221 -24.80 -13.39 -3.19
N ASN B 222 -25.37 -12.99 -2.05
CA ASN B 222 -26.79 -13.06 -1.81
C ASN B 222 -27.43 -11.68 -1.95
N VAL B 223 -28.71 -11.56 -1.54
CA VAL B 223 -29.39 -10.28 -1.65
C VAL B 223 -28.88 -9.25 -0.65
N GLY B 224 -28.65 -8.04 -1.17
CA GLY B 224 -28.22 -6.88 -0.46
C GLY B 224 -26.82 -6.43 -0.80
N ASP B 225 -25.99 -7.28 -1.41
CA ASP B 225 -24.67 -6.84 -1.76
C ASP B 225 -24.76 -5.73 -2.81
N TYR B 226 -23.92 -4.72 -2.67
CA TYR B 226 -23.91 -3.55 -3.53
C TYR B 226 -22.58 -3.31 -4.22
N PHE B 227 -22.58 -2.61 -5.36
CA PHE B 227 -21.34 -2.42 -6.10
C PHE B 227 -21.15 -0.96 -6.43
N VAL B 228 -19.92 -0.44 -6.30
CA VAL B 228 -19.62 0.95 -6.64
C VAL B 228 -18.35 1.02 -7.47
N LEU B 229 -18.28 1.98 -8.39
CA LEU B 229 -17.07 2.19 -9.18
C LEU B 229 -15.92 2.51 -8.23
N THR B 230 -14.75 1.90 -8.44
CA THR B 230 -13.62 2.07 -7.53
C THR B 230 -12.87 3.38 -7.79
N SER B 231 -12.78 4.24 -6.75
CA SER B 231 -12.09 5.52 -6.85
C SER B 231 -10.81 5.52 -6.04
N HIS B 232 -9.74 6.11 -6.61
CA HIS B 232 -8.41 6.16 -6.02
C HIS B 232 -7.88 7.59 -5.89
N THR B 233 -7.49 7.99 -4.67
CA THR B 233 -7.02 9.35 -4.45
C THR B 233 -5.85 9.66 -5.38
N VAL B 234 -5.85 10.86 -5.94
CA VAL B 234 -4.83 11.32 -6.89
C VAL B 234 -3.67 11.97 -6.16
N MET B 235 -2.43 11.37 -6.30
CA MET B 235 -1.27 12.01 -5.67
C MET B 235 -0.67 13.05 -6.61
N PRO B 236 -0.08 14.10 -6.04
CA PRO B 236 0.55 15.14 -6.87
C PRO B 236 1.77 14.63 -7.62
N LEU B 237 2.02 15.27 -8.77
CA LEU B 237 3.12 14.96 -9.66
C LEU B 237 4.25 15.96 -9.47
N SER B 238 5.48 15.48 -9.63
CA SER B 238 6.65 16.35 -9.49
C SER B 238 7.62 16.15 -10.66
N ALA B 239 7.88 14.90 -11.01
CA ALA B 239 8.79 14.59 -12.10
C ALA B 239 8.16 14.87 -13.46
N PRO B 240 8.95 15.29 -14.44
CA PRO B 240 8.40 15.54 -15.78
C PRO B 240 8.03 14.23 -16.46
N THR B 241 7.24 14.36 -17.53
CA THR B 241 6.88 13.18 -18.31
C THR B 241 8.09 12.57 -18.99
N LEU B 242 8.97 13.41 -19.53
CA LEU B 242 10.22 12.98 -20.13
C LEU B 242 11.38 13.71 -19.46
N VAL B 243 12.44 12.97 -19.16
CA VAL B 243 13.68 13.55 -18.63
C VAL B 243 14.32 14.29 -19.79
N PRO B 244 15.20 15.27 -19.54
CA PRO B 244 15.89 15.93 -20.66
C PRO B 244 16.71 14.92 -21.45
N GLN B 245 16.58 14.99 -22.77
CA GLN B 245 17.27 14.06 -23.66
C GLN B 245 18.78 14.33 -23.66
N GLU B 246 19.56 13.26 -23.71
CA GLU B 246 21.01 13.35 -23.81
C GLU B 246 21.47 12.33 -24.84
N HIS B 247 22.21 12.80 -25.83
CA HIS B 247 22.80 11.96 -26.86
C HIS B 247 24.28 11.80 -26.54
N TYR B 248 24.77 10.57 -26.69
CA TYR B 248 26.16 10.26 -26.39
C TYR B 248 26.90 9.84 -27.65
N VAL B 249 28.23 9.79 -27.51
CA VAL B 249 29.09 9.35 -28.61
C VAL B 249 29.55 7.92 -28.44
N ARG B 250 29.46 7.36 -27.23
CA ARG B 250 29.81 5.97 -26.98
C ARG B 250 28.77 5.38 -26.04
N ILE B 251 28.77 4.06 -25.93
CA ILE B 251 27.88 3.40 -24.99
C ILE B 251 28.26 3.81 -23.58
N THR B 252 27.32 4.40 -22.86
CA THR B 252 27.56 4.96 -21.53
C THR B 252 26.81 4.18 -20.48
N GLY B 253 27.51 3.83 -19.40
CA GLY B 253 26.89 3.15 -18.28
C GLY B 253 26.57 1.69 -18.48
N LEU B 254 26.87 1.12 -19.64
CA LEU B 254 26.56 -0.26 -19.92
C LEU B 254 27.78 -0.97 -20.50
N TYR B 255 27.75 -2.30 -20.42
CA TYR B 255 28.85 -3.15 -20.89
C TYR B 255 28.32 -4.22 -21.84
N PRO B 256 28.50 -4.03 -23.14
CA PRO B 256 27.95 -4.99 -24.10
C PRO B 256 28.77 -6.28 -24.10
N THR B 257 28.06 -7.40 -24.10
CA THR B 257 28.71 -8.69 -24.29
C THR B 257 29.19 -8.83 -25.73
N LEU B 258 30.16 -9.72 -25.92
CA LEU B 258 30.64 -10.09 -27.23
C LEU B 258 30.03 -11.38 -27.76
N ASN B 259 29.14 -12.01 -26.98
CA ASN B 259 28.53 -13.28 -27.35
C ASN B 259 27.03 -13.18 -27.09
N ILE B 260 26.22 -13.31 -28.14
CA ILE B 260 24.76 -13.30 -28.05
C ILE B 260 24.18 -14.31 -29.03
N SER B 261 23.02 -14.87 -28.68
CA SER B 261 22.31 -15.80 -29.57
C SER B 261 21.85 -15.13 -30.85
N ASP B 262 21.70 -15.95 -31.92
CA ASP B 262 21.25 -15.48 -33.23
C ASP B 262 19.79 -15.06 -33.18
N GLU B 263 19.11 -15.36 -32.06
CA GLU B 263 17.72 -14.97 -31.90
C GLU B 263 17.63 -13.48 -31.64
N PHE B 264 18.73 -12.82 -31.30
CA PHE B 264 18.68 -11.40 -30.97
C PHE B 264 19.67 -10.63 -31.83
N SER B 265 20.16 -11.25 -32.92
CA SER B 265 21.12 -10.60 -33.80
C SER B 265 20.51 -9.41 -34.52
N SER B 266 19.24 -9.50 -34.87
CA SER B 266 18.66 -8.41 -35.64
C SER B 266 18.49 -7.15 -34.80
N ASN B 267 18.62 -7.26 -33.49
CA ASN B 267 18.40 -6.12 -32.60
C ASN B 267 19.69 -5.51 -32.07
N VAL B 268 20.85 -6.02 -32.48
CA VAL B 268 22.11 -5.56 -31.89
C VAL B 268 22.38 -4.10 -32.23
N ALA B 269 22.11 -3.69 -33.47
CA ALA B 269 22.29 -2.30 -33.85
C ALA B 269 21.43 -1.36 -33.01
N ASN B 270 20.16 -1.71 -32.81
CA ASN B 270 19.29 -0.90 -31.96
C ASN B 270 19.63 -1.04 -30.49
N TYR B 271 20.09 -2.22 -30.07
CA TYR B 271 20.48 -2.39 -28.67
C TYR B 271 21.61 -1.42 -28.32
N GLN B 272 22.52 -1.18 -29.27
CA GLN B 272 23.62 -0.24 -29.07
C GLN B 272 23.11 1.20 -29.02
N LYS B 273 22.12 1.52 -29.86
CA LYS B 273 21.52 2.85 -29.87
C LYS B 273 20.87 3.18 -28.53
N VAL B 274 20.44 2.16 -27.79
CA VAL B 274 19.86 2.36 -26.46
C VAL B 274 20.90 2.94 -25.52
N GLY B 275 22.13 2.44 -25.58
CA GLY B 275 23.21 2.91 -24.73
C GLY B 275 23.84 4.22 -25.12
N MET B 276 23.48 4.79 -26.27
CA MET B 276 24.04 6.05 -26.74
C MET B 276 23.07 7.22 -26.60
N GLN B 277 21.91 7.00 -26.00
CA GLN B 277 20.96 8.07 -25.73
C GLN B 277 20.44 7.92 -24.30
N LYS B 278 19.90 9.02 -23.76
CA LYS B 278 19.32 8.96 -22.43
C LYS B 278 18.01 8.20 -22.48
N TYR B 279 17.13 8.56 -23.40
CA TYR B 279 15.89 7.84 -23.60
C TYR B 279 15.80 7.48 -25.08
N SER B 280 15.14 6.35 -25.35
CA SER B 280 14.95 5.85 -26.71
C SER B 280 13.53 5.35 -26.89
N THR B 281 12.99 5.57 -28.08
CA THR B 281 11.65 5.14 -28.44
C THR B 281 11.72 4.03 -29.47
N LEU B 282 10.88 3.02 -29.30
CA LEU B 282 10.79 1.88 -30.22
C LEU B 282 9.34 1.67 -30.59
N GLN B 283 9.04 1.83 -31.88
CA GLN B 283 7.73 1.51 -32.42
C GLN B 283 7.72 0.07 -32.92
N GLY B 284 6.90 -0.76 -32.28
CA GLY B 284 6.78 -2.15 -32.67
C GLY B 284 5.36 -2.47 -33.11
N PRO B 285 5.17 -2.55 -34.43
CA PRO B 285 3.87 -2.98 -34.99
C PRO B 285 3.50 -4.37 -34.50
N PRO B 286 2.25 -4.78 -34.69
CA PRO B 286 1.82 -6.09 -34.18
C PRO B 286 2.64 -7.24 -34.75
N GLY B 287 2.95 -8.19 -33.88
CA GLY B 287 3.67 -9.40 -34.26
C GLY B 287 5.11 -9.19 -34.65
N THR B 288 5.72 -8.07 -34.29
CA THR B 288 7.09 -7.79 -34.66
C THR B 288 8.11 -8.15 -33.58
N GLY B 289 7.67 -8.53 -32.38
CA GLY B 289 8.61 -8.99 -31.38
C GLY B 289 9.00 -7.93 -30.36
N LYS B 290 8.02 -7.24 -29.79
CA LYS B 290 8.31 -6.19 -28.82
C LYS B 290 8.89 -6.78 -27.53
N SER B 291 8.21 -7.78 -26.96
CA SER B 291 8.72 -8.39 -25.74
C SER B 291 10.01 -9.17 -26.00
N HIS B 292 10.16 -9.71 -27.21
CA HIS B 292 11.42 -10.36 -27.59
C HIS B 292 12.56 -9.36 -27.62
N PHE B 293 12.28 -8.12 -28.05
CA PHE B 293 13.30 -7.07 -28.05
C PHE B 293 13.67 -6.68 -26.62
N ALA B 294 12.68 -6.53 -25.74
CA ALA B 294 12.94 -6.02 -24.41
C ALA B 294 13.73 -7.03 -23.58
N ILE B 295 13.41 -8.32 -23.72
CA ILE B 295 14.10 -9.34 -22.95
C ILE B 295 15.53 -9.52 -23.47
N GLY B 296 15.71 -9.47 -24.79
CA GLY B 296 17.03 -9.60 -25.35
C GLY B 296 17.95 -8.45 -25.03
N LEU B 297 17.38 -7.29 -24.70
CA LEU B 297 18.18 -6.16 -24.23
C LEU B 297 18.96 -6.53 -22.98
N ALA B 298 18.39 -7.40 -22.14
CA ALA B 298 19.08 -7.85 -20.94
C ALA B 298 20.22 -8.81 -21.27
N LEU B 299 20.07 -9.62 -22.31
CA LEU B 299 21.14 -10.54 -22.70
C LEU B 299 22.30 -9.80 -23.35
N TYR B 300 22.04 -8.70 -24.05
CA TYR B 300 23.13 -7.94 -24.66
C TYR B 300 23.93 -7.15 -23.63
N TYR B 301 23.28 -6.70 -22.55
CA TYR B 301 23.95 -6.01 -21.44
C TYR B 301 23.75 -6.88 -20.21
N PRO B 302 24.47 -8.00 -20.09
CA PRO B 302 24.12 -8.98 -19.05
C PRO B 302 24.33 -8.48 -17.63
N SER B 303 25.24 -7.53 -17.41
CA SER B 303 25.49 -7.03 -16.06
C SER B 303 24.55 -5.89 -15.66
N ALA B 304 23.74 -5.39 -16.59
CA ALA B 304 22.88 -4.26 -16.30
C ALA B 304 21.69 -4.70 -15.45
N ARG B 305 21.26 -3.80 -14.57
CA ARG B 305 20.06 -4.01 -13.79
C ARG B 305 18.90 -3.31 -14.48
N ILE B 306 17.83 -4.05 -14.75
CA ILE B 306 16.74 -3.60 -15.60
C ILE B 306 15.45 -3.70 -14.82
N VAL B 307 14.64 -2.64 -14.87
CA VAL B 307 13.27 -2.67 -14.38
C VAL B 307 12.35 -2.67 -15.58
N TYR B 308 11.51 -3.70 -15.67
CA TYR B 308 10.51 -3.83 -16.72
C TYR B 308 9.17 -3.38 -16.15
N THR B 309 8.59 -2.34 -16.76
CA THR B 309 7.37 -1.73 -16.25
C THR B 309 6.36 -1.53 -17.37
N ALA B 310 5.09 -1.47 -16.97
CA ALA B 310 4.00 -1.21 -17.90
C ALA B 310 2.80 -0.76 -17.08
N CYS B 311 1.72 -0.38 -17.77
CA CYS B 311 0.55 0.12 -17.06
C CYS B 311 -0.32 -1.00 -16.49
N SER B 312 -0.50 -2.09 -17.24
CA SER B 312 -1.40 -3.16 -16.84
C SER B 312 -0.63 -4.35 -16.29
N HIS B 313 -1.34 -5.17 -15.51
CA HIS B 313 -0.74 -6.40 -15.02
C HIS B 313 -0.54 -7.40 -16.15
N ALA B 314 -1.39 -7.38 -17.16
CA ALA B 314 -1.24 -8.32 -18.27
C ALA B 314 -0.01 -8.01 -19.10
N ALA B 315 0.27 -6.71 -19.28
CA ALA B 315 1.43 -6.34 -20.09
C ALA B 315 2.73 -6.74 -19.38
N VAL B 316 2.79 -6.52 -18.07
CA VAL B 316 3.95 -6.94 -17.29
C VAL B 316 4.04 -8.47 -17.22
N ASP B 317 2.88 -9.15 -17.21
CA ASP B 317 2.88 -10.61 -17.17
C ASP B 317 3.47 -11.21 -18.45
N ALA B 318 3.19 -10.59 -19.60
CA ALA B 318 3.75 -11.08 -20.86
C ALA B 318 5.27 -10.93 -20.90
N LEU B 319 5.79 -9.82 -20.35
CA LEU B 319 7.24 -9.65 -20.25
C LEU B 319 7.85 -10.65 -19.27
N CYS B 320 7.10 -11.03 -18.24
CA CYS B 320 7.56 -12.06 -17.33
C CYS B 320 7.66 -13.40 -18.06
N GLU B 321 6.73 -13.67 -18.98
CA GLU B 321 6.70 -14.98 -19.66
C GLU B 321 7.87 -15.13 -20.62
N LYS B 322 8.24 -14.06 -21.33
CA LYS B 322 9.39 -14.12 -22.26
C LYS B 322 10.66 -14.24 -21.46
N ALA B 323 10.66 -13.62 -20.29
CA ALA B 323 11.84 -13.64 -19.46
C ALA B 323 12.06 -15.07 -18.98
N LEU B 324 10.97 -15.77 -18.68
CA LEU B 324 11.08 -17.13 -18.17
C LEU B 324 11.87 -18.00 -19.14
N LYS B 325 11.79 -17.70 -20.43
CA LYS B 325 12.51 -18.49 -21.40
C LYS B 325 13.98 -18.11 -21.47
N TYR B 326 14.34 -16.84 -21.25
CA TYR B 326 15.68 -16.38 -21.55
C TYR B 326 16.48 -15.89 -20.35
N LEU B 327 15.83 -15.53 -19.25
CA LEU B 327 16.58 -14.96 -18.15
C LEU B 327 16.62 -15.89 -16.95
N PRO B 328 17.71 -15.87 -16.17
CA PRO B 328 17.79 -16.69 -14.96
C PRO B 328 16.66 -16.34 -13.99
N ILE B 329 15.89 -17.34 -13.59
CA ILE B 329 14.71 -17.12 -12.76
C ILE B 329 15.09 -16.64 -11.37
N ASP B 330 16.32 -16.91 -10.92
CA ASP B 330 16.74 -16.50 -9.60
C ASP B 330 17.09 -15.01 -9.53
N LYS B 331 17.24 -14.35 -10.68
CA LYS B 331 17.52 -12.92 -10.72
C LYS B 331 16.31 -12.10 -11.16
N CYS B 332 15.12 -12.67 -11.07
CA CYS B 332 13.88 -12.01 -11.46
C CYS B 332 12.93 -11.90 -10.28
N SER B 333 12.25 -10.76 -10.17
CA SER B 333 11.26 -10.52 -9.13
C SER B 333 10.04 -9.81 -9.71
N ARG B 334 8.86 -10.23 -9.30
CA ARG B 334 7.60 -9.59 -9.66
C ARG B 334 7.09 -8.79 -8.47
N ILE B 335 6.89 -7.48 -8.66
CA ILE B 335 6.38 -6.61 -7.61
C ILE B 335 4.86 -6.66 -7.68
N ILE B 336 4.24 -7.05 -6.56
CA ILE B 336 2.80 -7.17 -6.44
C ILE B 336 2.38 -6.28 -5.28
N PRO B 337 1.51 -5.30 -5.50
CA PRO B 337 1.01 -4.47 -4.40
C PRO B 337 0.21 -5.30 -3.41
N ALA B 338 0.33 -4.95 -2.13
CA ALA B 338 -0.43 -5.59 -1.06
C ALA B 338 -1.95 -5.44 -1.21
N VAL B 342 -6.62 -8.83 -8.30
CA VAL B 342 -6.33 -9.53 -9.55
C VAL B 342 -5.01 -10.29 -9.45
N GLU B 343 -5.04 -11.59 -9.74
CA GLU B 343 -3.82 -12.38 -9.72
C GLU B 343 -2.92 -12.03 -10.91
N CYS B 344 -1.63 -12.32 -10.74
CA CYS B 344 -0.57 -12.00 -11.69
C CYS B 344 0.41 -13.18 -11.73
N PHE B 345 1.56 -12.95 -12.38
CA PHE B 345 2.63 -13.93 -12.61
C PHE B 345 3.08 -14.43 -11.23
N ASP B 346 3.08 -15.75 -11.03
CA ASP B 346 3.48 -16.34 -9.76
C ASP B 346 4.69 -17.26 -9.80
N LYS B 347 5.57 -17.08 -10.77
CA LYS B 347 6.74 -17.91 -10.90
C LYS B 347 8.05 -17.19 -10.51
N PHE B 348 8.00 -15.93 -10.09
CA PHE B 348 9.20 -15.24 -9.63
C PHE B 348 9.07 -14.95 -8.13
N LYS B 349 10.19 -14.61 -7.51
CA LYS B 349 10.18 -14.20 -6.11
C LYS B 349 9.47 -12.87 -5.95
N VAL B 350 8.66 -12.80 -4.90
CA VAL B 350 7.72 -11.70 -4.71
C VAL B 350 8.38 -10.58 -3.93
N ASN B 351 8.24 -9.35 -4.42
CA ASN B 351 8.59 -8.14 -3.71
C ASN B 351 10.06 -8.12 -3.29
N SER B 352 10.94 -8.31 -4.28
CA SER B 352 12.39 -8.24 -4.08
C SER B 352 12.90 -7.11 -4.97
N THR B 353 12.98 -5.91 -4.40
CA THR B 353 13.33 -4.72 -5.19
C THR B 353 14.77 -4.77 -5.66
N LEU B 354 15.63 -5.46 -4.93
CA LEU B 354 17.06 -5.45 -5.18
C LEU B 354 17.50 -6.52 -6.17
N GLU B 355 16.56 -7.23 -6.80
CA GLU B 355 16.96 -8.22 -7.78
C GLU B 355 17.45 -7.52 -9.04
N GLN B 356 18.13 -8.29 -9.90
CA GLN B 356 18.69 -7.69 -11.11
C GLN B 356 17.58 -7.31 -12.10
N TYR B 357 16.57 -8.16 -12.24
CA TYR B 357 15.46 -7.95 -13.16
C TYR B 357 14.17 -7.84 -12.35
N VAL B 358 13.54 -6.66 -12.42
CA VAL B 358 12.36 -6.35 -11.62
C VAL B 358 11.21 -6.07 -12.57
N PHE B 359 10.09 -6.76 -12.36
CA PHE B 359 8.89 -6.63 -13.19
C PHE B 359 7.77 -6.07 -12.33
N CYS B 360 7.27 -4.91 -12.71
CA CYS B 360 6.33 -4.19 -11.85
C CYS B 360 5.50 -3.21 -12.65
N THR B 361 4.22 -3.09 -12.29
CA THR B 361 3.34 -2.10 -12.88
C THR B 361 3.74 -0.71 -12.39
N VAL B 362 3.25 0.32 -13.09
CA VAL B 362 3.66 1.69 -12.77
C VAL B 362 3.14 2.08 -11.38
N ASN B 363 1.90 1.71 -11.06
CA ASN B 363 1.26 2.13 -9.81
C ASN B 363 1.93 1.50 -8.60
N ALA B 364 2.66 0.40 -8.79
CA ALA B 364 3.28 -0.29 -7.67
C ALA B 364 4.79 -0.12 -7.69
N LEU B 365 5.30 0.80 -8.51
CA LEU B 365 6.73 0.91 -8.64
C LEU B 365 7.34 1.38 -7.32
N PRO B 366 8.45 0.78 -6.89
CA PRO B 366 9.17 1.30 -5.73
C PRO B 366 10.17 2.37 -6.18
N GLU B 367 10.60 3.15 -5.20
CA GLU B 367 11.61 4.18 -5.45
C GLU B 367 12.99 3.55 -5.47
N THR B 368 13.59 3.43 -6.64
CA THR B 368 14.89 2.78 -6.77
C THR B 368 15.59 3.30 -8.01
N THR B 369 16.77 2.74 -8.28
CA THR B 369 17.59 3.11 -9.43
C THR B 369 17.84 1.87 -10.28
N ALA B 370 18.16 2.11 -11.54
CA ALA B 370 18.40 1.02 -12.48
C ALA B 370 19.33 1.49 -13.58
N ASP B 371 19.89 0.52 -14.31
CA ASP B 371 20.72 0.87 -15.46
C ASP B 371 19.84 1.22 -16.66
N ILE B 372 18.84 0.38 -16.93
CA ILE B 372 17.87 0.66 -17.98
C ILE B 372 16.47 0.40 -17.44
N VAL B 373 15.52 1.23 -17.86
CA VAL B 373 14.11 1.06 -17.55
C VAL B 373 13.39 0.79 -18.86
N VAL B 374 12.63 -0.31 -18.91
CA VAL B 374 11.86 -0.66 -20.09
C VAL B 374 10.38 -0.44 -19.77
N PHE B 375 9.77 0.50 -20.49
CA PHE B 375 8.36 0.83 -20.36
C PHE B 375 7.66 0.31 -21.61
N ASP B 376 6.85 -0.73 -21.44
CA ASP B 376 6.18 -1.40 -22.55
C ASP B 376 4.74 -0.89 -22.69
N GLU B 377 4.18 -1.13 -23.89
CA GLU B 377 2.82 -0.72 -24.23
C GLU B 377 2.63 0.77 -23.98
N ILE B 378 3.52 1.58 -24.57
CA ILE B 378 3.56 3.00 -24.27
C ILE B 378 2.35 3.76 -24.79
N SER B 379 1.63 3.21 -25.77
CA SER B 379 0.42 3.87 -26.25
C SER B 379 -0.70 3.84 -25.22
N MET B 380 -0.69 2.88 -24.30
CA MET B 380 -1.68 2.79 -23.23
C MET B 380 -1.33 3.64 -22.02
N ALA B 381 -0.23 4.39 -22.08
CA ALA B 381 0.23 5.19 -20.96
C ALA B 381 -0.31 6.61 -21.06
N THR B 382 -0.65 7.18 -19.91
CA THR B 382 -1.02 8.58 -19.81
C THR B 382 0.19 9.38 -19.33
N ASN B 383 0.11 10.70 -19.51
CA ASN B 383 1.18 11.58 -19.03
C ASN B 383 1.32 11.51 -17.52
N TYR B 384 0.26 11.14 -16.81
CA TYR B 384 0.39 10.86 -15.38
C TYR B 384 1.34 9.69 -15.14
N ASP B 385 1.17 8.60 -15.89
CA ASP B 385 2.02 7.42 -15.70
C ASP B 385 3.48 7.74 -16.01
N LEU B 386 3.73 8.54 -17.06
CA LEU B 386 5.09 8.92 -17.41
C LEU B 386 5.77 9.69 -16.28
N SER B 387 5.02 10.51 -15.57
CA SER B 387 5.60 11.27 -14.46
C SER B 387 5.93 10.38 -13.27
N VAL B 388 5.02 9.45 -12.95
CA VAL B 388 5.24 8.54 -11.83
C VAL B 388 6.49 7.70 -12.06
N VAL B 389 6.71 7.29 -13.31
CA VAL B 389 7.87 6.46 -13.64
C VAL B 389 9.16 7.23 -13.40
N ASN B 390 9.20 8.50 -13.83
CA ASN B 390 10.40 9.31 -13.65
C ASN B 390 10.63 9.68 -12.19
N ALA B 391 9.56 9.78 -11.40
CA ALA B 391 9.71 10.15 -10.00
C ALA B 391 10.22 9.00 -9.15
N ARG B 392 9.88 7.76 -9.51
CA ARG B 392 10.28 6.61 -8.72
C ARG B 392 11.53 5.90 -9.24
N LEU B 393 11.87 6.08 -10.51
CA LEU B 393 12.98 5.37 -11.14
C LEU B 393 13.98 6.37 -11.73
N ARG B 394 15.15 6.46 -11.11
CA ARG B 394 16.29 7.17 -11.66
C ARG B 394 17.19 6.16 -12.36
N ALA B 395 17.35 6.31 -13.68
CA ALA B 395 18.09 5.33 -14.46
C ALA B 395 19.02 6.04 -15.43
N LYS B 396 20.00 5.28 -15.93
CA LYS B 396 20.91 5.81 -16.94
C LYS B 396 20.25 5.84 -18.31
N HIS B 397 19.39 4.86 -18.61
CA HIS B 397 18.75 4.78 -19.91
C HIS B 397 17.30 4.37 -19.74
N TYR B 398 16.43 4.97 -20.55
CA TYR B 398 15.01 4.64 -20.58
C TYR B 398 14.64 4.23 -21.99
N VAL B 399 13.91 3.11 -22.12
CA VAL B 399 13.43 2.65 -23.40
C VAL B 399 11.91 2.56 -23.32
N TYR B 400 11.24 3.20 -24.26
CA TYR B 400 9.79 3.21 -24.35
C TYR B 400 9.35 2.37 -25.54
N ILE B 401 8.65 1.29 -25.28
CA ILE B 401 8.24 0.34 -26.32
C ILE B 401 6.73 0.39 -26.45
N GLY B 402 6.25 0.49 -27.69
CA GLY B 402 4.83 0.54 -27.94
C GLY B 402 4.57 0.81 -29.41
N ASP B 403 3.36 1.26 -29.70
CA ASP B 403 2.99 1.53 -31.08
C ASP B 403 1.90 2.59 -31.09
N PRO B 404 2.21 3.81 -31.54
CA PRO B 404 1.18 4.85 -31.62
C PRO B 404 0.09 4.56 -32.65
N ALA B 405 0.25 3.55 -33.50
CA ALA B 405 -0.80 3.15 -34.42
C ALA B 405 -1.79 2.18 -33.78
N GLN B 406 -1.66 1.91 -32.48
CA GLN B 406 -2.59 1.06 -31.76
C GLN B 406 -3.41 1.89 -30.78
N LEU B 407 -4.06 1.21 -29.84
CA LEU B 407 -5.10 1.88 -29.07
C LEU B 407 -4.52 2.55 -27.82
N PRO B 408 -5.12 3.67 -27.42
CA PRO B 408 -4.65 4.35 -26.20
C PRO B 408 -5.47 3.94 -25.00
N ALA B 409 -5.11 4.45 -23.82
CA ALA B 409 -5.93 4.21 -22.64
C ALA B 409 -7.27 4.91 -22.83
N PRO B 410 -8.37 4.29 -22.39
CA PRO B 410 -9.69 4.92 -22.56
C PRO B 410 -9.82 6.16 -21.68
N ARG B 411 -10.29 7.24 -22.29
CA ARG B 411 -10.62 8.48 -21.58
C ARG B 411 -12.13 8.55 -21.48
N THR B 412 -12.67 8.05 -20.36
CA THR B 412 -14.11 7.88 -20.23
C THR B 412 -14.85 9.21 -20.30
N LEU B 413 -14.20 10.31 -19.91
CA LEU B 413 -14.85 11.61 -19.96
C LEU B 413 -14.85 12.20 -21.36
N LEU B 414 -14.02 11.69 -22.27
CA LEU B 414 -13.94 12.25 -23.61
C LEU B 414 -15.10 11.71 -24.45
N THR B 415 -15.97 12.61 -24.90
CA THR B 415 -17.10 12.26 -25.74
C THR B 415 -17.19 13.04 -27.04
N LYS B 416 -16.56 14.21 -27.13
CA LYS B 416 -16.57 15.06 -28.33
C LYS B 416 -15.19 15.11 -28.95
N GLY B 417 -15.06 14.60 -30.16
CA GLY B 417 -13.80 14.63 -30.86
C GLY B 417 -13.02 13.34 -30.72
N THR B 418 -12.05 13.17 -31.60
CA THR B 418 -11.18 11.99 -31.63
C THR B 418 -9.78 12.39 -31.21
N LEU B 419 -9.17 11.59 -30.34
CA LEU B 419 -7.83 11.85 -29.84
C LEU B 419 -6.81 11.30 -30.83
N GLU B 420 -6.04 12.19 -31.45
CA GLU B 420 -5.03 11.75 -32.40
C GLU B 420 -3.86 11.11 -31.65
N PRO B 421 -3.13 10.18 -32.30
CA PRO B 421 -2.04 9.48 -31.60
C PRO B 421 -0.98 10.41 -31.03
N GLU B 422 -0.72 11.54 -31.69
CA GLU B 422 0.27 12.50 -31.23
C GLU B 422 -0.11 13.13 -29.90
N TYR B 423 -1.35 12.98 -29.45
CA TYR B 423 -1.79 13.56 -28.19
C TYR B 423 -2.07 12.48 -27.14
N PHE B 424 -1.62 11.24 -27.39
CA PHE B 424 -1.78 10.18 -26.41
C PHE B 424 -0.99 10.49 -25.15
N ASN B 425 0.30 10.75 -25.32
CA ASN B 425 1.20 11.11 -24.22
C ASN B 425 2.44 11.77 -24.82
N SER B 426 3.39 12.13 -23.95
CA SER B 426 4.61 12.79 -24.41
C SER B 426 5.43 11.90 -25.34
N VAL B 427 5.51 10.60 -25.03
CA VAL B 427 6.30 9.68 -25.85
C VAL B 427 5.66 9.50 -27.21
N CYS B 428 4.34 9.27 -27.24
CA CYS B 428 3.65 9.11 -28.51
C CYS B 428 3.75 10.38 -29.35
N ARG B 429 3.76 11.55 -28.70
CA ARG B 429 3.90 12.79 -29.44
C ARG B 429 5.23 12.84 -30.19
N LEU B 430 6.32 12.44 -29.54
CA LEU B 430 7.62 12.46 -30.19
C LEU B 430 7.67 11.49 -31.36
N MET B 431 7.07 10.30 -31.19
CA MET B 431 7.11 9.28 -32.23
C MET B 431 6.36 9.73 -33.49
N LYS B 432 5.38 10.60 -33.33
CA LYS B 432 4.57 11.08 -34.45
C LYS B 432 5.11 12.37 -35.04
N THR B 433 5.87 13.14 -34.27
CA THR B 433 6.40 14.43 -34.74
C THR B 433 7.79 14.24 -35.36
N ILE B 434 8.75 13.76 -34.58
CA ILE B 434 10.11 13.56 -35.07
C ILE B 434 10.38 12.12 -35.47
N GLY B 435 9.43 11.21 -35.26
CA GLY B 435 9.60 9.82 -35.58
C GLY B 435 10.20 9.04 -34.42
N PRO B 436 10.09 7.72 -34.45
CA PRO B 436 10.71 6.91 -33.40
C PRO B 436 12.18 6.65 -33.68
N ASP B 437 12.90 6.39 -32.59
CA ASP B 437 14.33 6.08 -32.69
C ASP B 437 14.54 4.75 -33.42
N MET B 438 13.77 3.73 -33.04
CA MET B 438 13.89 2.39 -33.57
C MET B 438 12.54 1.86 -34.03
N PHE B 439 12.57 1.01 -35.06
CA PHE B 439 11.35 0.48 -35.67
C PHE B 439 11.54 -0.99 -36.00
N LEU B 440 10.57 -1.82 -35.63
CA LEU B 440 10.57 -3.24 -35.94
C LEU B 440 9.74 -3.43 -37.21
N GLY B 441 10.41 -3.76 -38.31
CA GLY B 441 9.80 -3.74 -39.61
C GLY B 441 9.32 -5.06 -40.17
N THR B 442 9.40 -6.15 -39.43
CA THR B 442 9.02 -7.45 -39.94
C THR B 442 7.92 -8.04 -39.06
N CYS B 443 6.72 -8.15 -39.62
CA CYS B 443 5.60 -8.79 -38.93
C CYS B 443 5.69 -10.30 -39.16
N ARG B 444 5.69 -11.06 -38.07
CA ARG B 444 5.81 -12.51 -38.16
C ARG B 444 4.48 -13.21 -37.88
N ARG B 445 3.44 -12.47 -37.54
CA ARG B 445 2.15 -13.07 -37.20
C ARG B 445 1.16 -13.10 -38.36
N CYS B 446 1.06 -12.03 -39.12
CA CYS B 446 -0.10 -11.96 -39.99
C CYS B 446 0.21 -12.38 -41.41
N PRO B 447 -0.79 -12.92 -42.10
CA PRO B 447 -0.67 -13.17 -43.54
C PRO B 447 -0.33 -11.89 -44.29
N ALA B 448 0.28 -12.06 -45.47
CA ALA B 448 0.77 -10.91 -46.22
C ALA B 448 -0.35 -9.94 -46.58
N GLU B 449 -1.57 -10.44 -46.80
CA GLU B 449 -2.69 -9.57 -47.13
C GLU B 449 -2.96 -8.56 -46.03
N ILE B 450 -2.90 -8.99 -44.77
CA ILE B 450 -3.12 -8.08 -43.66
C ILE B 450 -1.96 -7.10 -43.51
N VAL B 451 -0.73 -7.58 -43.68
CA VAL B 451 0.44 -6.72 -43.46
C VAL B 451 0.46 -5.59 -44.48
N ASP B 452 0.29 -5.93 -45.77
CA ASP B 452 0.29 -4.90 -46.81
C ASP B 452 -0.79 -3.86 -46.57
N THR B 453 -1.95 -4.29 -46.05
CA THR B 453 -3.04 -3.35 -45.78
C THR B 453 -2.62 -2.35 -44.72
N VAL B 454 -2.12 -2.84 -43.58
CA VAL B 454 -1.77 -1.93 -42.49
C VAL B 454 -0.45 -1.22 -42.76
N SER B 455 0.44 -1.82 -43.55
CA SER B 455 1.69 -1.14 -43.88
C SER B 455 1.42 0.15 -44.63
N ALA B 456 0.51 0.12 -45.60
CA ALA B 456 0.13 1.33 -46.31
C ALA B 456 -0.80 2.22 -45.49
N LEU B 457 -1.48 1.66 -44.50
CA LEU B 457 -2.50 2.42 -43.79
C LEU B 457 -1.91 3.31 -42.70
N VAL B 458 -0.95 2.80 -41.93
CA VAL B 458 -0.46 3.52 -40.76
C VAL B 458 1.06 3.44 -40.60
N TYR B 459 1.72 2.67 -41.47
CA TYR B 459 3.15 2.44 -41.28
C TYR B 459 4.02 2.92 -42.43
N ASP B 460 3.48 3.72 -43.36
CA ASP B 460 4.25 4.32 -44.44
C ASP B 460 4.99 3.27 -45.27
N ASN B 461 4.34 2.12 -45.47
CA ASN B 461 4.91 1.02 -46.26
C ASN B 461 6.27 0.55 -45.74
N LYS B 462 6.56 0.76 -44.45
CA LYS B 462 7.81 0.30 -43.85
C LYS B 462 7.69 -1.05 -43.16
N LEU B 463 6.48 -1.59 -43.03
CA LEU B 463 6.27 -2.88 -42.38
C LEU B 463 6.23 -3.96 -43.45
N LYS B 464 7.17 -4.91 -43.37
CA LYS B 464 7.26 -6.02 -44.31
C LYS B 464 6.66 -7.27 -43.70
N ALA B 465 6.22 -8.17 -44.57
CA ALA B 465 5.56 -9.40 -44.14
C ALA B 465 6.55 -10.56 -44.22
N HIS B 466 6.64 -11.31 -43.13
CA HIS B 466 7.43 -12.55 -43.14
C HIS B 466 6.66 -13.70 -43.78
N LYS B 467 5.35 -13.74 -43.61
CA LYS B 467 4.52 -14.80 -44.18
C LYS B 467 4.12 -14.45 -45.60
N ASP B 468 3.72 -15.48 -46.35
CA ASP B 468 3.17 -15.28 -47.68
C ASP B 468 1.70 -14.89 -47.59
N LYS B 469 1.06 -14.67 -48.73
CA LYS B 469 -0.39 -14.55 -48.74
C LYS B 469 -1.04 -15.85 -48.31
N SER B 470 -2.09 -15.75 -47.51
CA SER B 470 -2.82 -16.92 -47.04
C SER B 470 -3.97 -17.32 -47.94
N ALA B 471 -4.48 -16.40 -48.76
CA ALA B 471 -5.70 -16.60 -49.56
C ALA B 471 -6.91 -16.91 -48.70
N GLN B 472 -6.86 -16.55 -47.41
CA GLN B 472 -7.98 -16.69 -46.50
C GLN B 472 -8.38 -15.37 -45.84
N CYS B 473 -8.14 -14.25 -46.52
CA CYS B 473 -8.53 -12.94 -46.03
C CYS B 473 -9.62 -12.40 -46.94
N PHE B 474 -10.81 -12.21 -46.38
CA PHE B 474 -12.00 -11.86 -47.15
C PHE B 474 -12.68 -10.63 -46.57
N LYS B 475 -13.36 -9.89 -47.45
CA LYS B 475 -14.09 -8.70 -47.06
C LYS B 475 -15.44 -8.67 -47.75
N MET B 476 -16.45 -8.17 -47.05
N MET B 476 -16.45 -8.17 -47.04
CA MET B 476 -17.78 -8.00 -47.62
CA MET B 476 -17.81 -8.01 -47.57
C MET B 476 -18.34 -6.65 -47.18
C MET B 476 -18.32 -6.64 -47.18
N PHE B 477 -19.03 -5.98 -48.09
CA PHE B 477 -19.64 -4.68 -47.82
C PHE B 477 -21.12 -4.93 -47.54
N TYR B 478 -21.54 -4.64 -46.31
CA TYR B 478 -22.90 -4.93 -45.87
C TYR B 478 -23.28 -4.00 -44.72
N LYS B 479 -24.16 -3.04 -44.99
CA LYS B 479 -24.55 -2.07 -43.97
C LYS B 479 -25.50 -2.71 -42.95
N GLY B 480 -26.39 -3.60 -43.40
CA GLY B 480 -27.27 -4.29 -42.49
C GLY B 480 -28.28 -3.34 -41.85
N VAL B 481 -28.57 -3.58 -40.58
CA VAL B 481 -29.54 -2.80 -39.83
C VAL B 481 -28.97 -2.54 -38.45
N ILE B 482 -28.90 -1.26 -38.08
CA ILE B 482 -28.29 -0.83 -36.83
C ILE B 482 -29.39 -0.55 -35.81
N THR B 483 -29.34 -1.27 -34.70
CA THR B 483 -30.20 -1.03 -33.56
C THR B 483 -29.30 -0.56 -32.45
N HIS B 484 -29.86 0.12 -31.46
CA HIS B 484 -29.06 0.70 -30.41
C HIS B 484 -29.68 0.37 -29.06
N ASP B 485 -28.84 0.00 -28.12
CA ASP B 485 -29.27 -0.15 -26.75
C ASP B 485 -28.82 1.06 -25.94
N VAL B 486 -28.73 0.89 -24.62
CA VAL B 486 -28.43 2.02 -23.74
C VAL B 486 -27.07 2.63 -24.09
N SER B 487 -26.03 1.79 -24.19
CA SER B 487 -24.68 2.30 -24.35
C SER B 487 -23.94 1.71 -25.55
N SER B 488 -24.55 0.82 -26.31
CA SER B 488 -23.83 0.18 -27.41
C SER B 488 -24.70 0.11 -28.65
N ALA B 489 -24.20 -0.61 -29.65
CA ALA B 489 -24.82 -0.73 -30.96
C ALA B 489 -24.89 -2.21 -31.31
N ILE B 490 -25.86 -2.56 -32.16
CA ILE B 490 -26.07 -3.93 -32.60
C ILE B 490 -26.41 -3.93 -34.10
N ASN B 491 -25.85 -4.88 -34.83
CA ASN B 491 -26.17 -5.08 -36.25
C ASN B 491 -26.39 -6.57 -36.47
N ARG B 492 -27.65 -6.99 -36.32
CA ARG B 492 -28.03 -8.40 -36.43
C ARG B 492 -27.85 -8.96 -37.83
N PRO B 493 -28.23 -8.25 -38.89
CA PRO B 493 -27.98 -8.78 -40.25
C PRO B 493 -26.52 -9.09 -40.53
N GLN B 494 -25.59 -8.26 -40.04
CA GLN B 494 -24.17 -8.57 -40.21
C GLN B 494 -23.82 -9.89 -39.54
N ILE B 495 -24.42 -10.17 -38.38
CA ILE B 495 -24.23 -11.47 -37.73
C ILE B 495 -24.87 -12.57 -38.55
N GLY B 496 -26.05 -12.31 -39.10
CA GLY B 496 -26.68 -13.29 -39.98
C GLY B 496 -25.82 -13.63 -41.18
N VAL B 497 -25.10 -12.63 -41.72
CA VAL B 497 -24.18 -12.92 -42.80
C VAL B 497 -23.06 -13.84 -42.34
N VAL B 498 -22.60 -13.68 -41.09
CA VAL B 498 -21.53 -14.53 -40.58
C VAL B 498 -22.03 -15.96 -40.37
N ARG B 499 -23.25 -16.11 -39.83
CA ARG B 499 -23.83 -17.43 -39.61
C ARG B 499 -23.83 -18.19 -40.93
N GLU B 500 -24.27 -17.51 -42.00
CA GLU B 500 -24.36 -18.17 -43.29
C GLU B 500 -22.97 -18.46 -43.81
N PHE B 501 -22.00 -17.58 -43.52
CA PHE B 501 -20.65 -17.87 -43.95
C PHE B 501 -20.13 -19.07 -43.19
N LEU B 502 -20.48 -19.18 -41.90
CA LEU B 502 -20.01 -20.30 -41.11
C LEU B 502 -20.60 -21.60 -41.64
N THR B 503 -21.89 -21.57 -42.05
CA THR B 503 -22.54 -22.77 -42.53
C THR B 503 -21.92 -23.25 -43.83
N ARG B 504 -21.18 -22.39 -44.52
CA ARG B 504 -20.63 -22.79 -45.80
C ARG B 504 -19.14 -22.95 -45.68
N ASN B 505 -18.58 -22.50 -44.57
CA ASN B 505 -17.15 -22.60 -44.32
C ASN B 505 -17.03 -23.14 -42.90
N PRO B 506 -17.31 -24.43 -42.69
CA PRO B 506 -17.36 -24.96 -41.32
C PRO B 506 -16.05 -24.88 -40.57
N ALA B 507 -14.92 -24.83 -41.28
CA ALA B 507 -13.61 -24.78 -40.65
C ALA B 507 -13.38 -23.46 -39.92
N TRP B 508 -14.15 -22.42 -40.26
CA TRP B 508 -14.03 -21.10 -39.66
C TRP B 508 -14.70 -21.02 -38.31
N ARG B 509 -15.37 -22.08 -37.89
CA ARG B 509 -16.05 -22.11 -36.61
C ARG B 509 -15.06 -22.10 -35.44
N LYS B 510 -13.77 -22.32 -35.69
CA LYS B 510 -12.75 -22.12 -34.66
C LYS B 510 -12.30 -20.67 -34.55
N ALA B 511 -12.96 -19.75 -35.24
CA ALA B 511 -12.59 -18.33 -35.23
C ALA B 511 -13.04 -17.60 -33.97
N VAL B 512 -12.41 -16.44 -33.76
CA VAL B 512 -12.76 -15.53 -32.68
C VAL B 512 -13.56 -14.37 -33.29
N PHE B 513 -14.70 -14.06 -32.68
CA PHE B 513 -15.54 -12.95 -33.13
C PHE B 513 -15.09 -11.64 -32.48
N ILE B 514 -14.85 -10.63 -33.30
CA ILE B 514 -14.40 -9.32 -32.84
C ILE B 514 -15.32 -8.25 -33.44
N SER B 515 -15.67 -7.26 -32.64
CA SER B 515 -16.48 -6.14 -33.08
C SER B 515 -16.18 -4.95 -32.19
N PRO B 516 -16.51 -3.72 -32.63
CA PRO B 516 -16.24 -2.54 -31.80
C PRO B 516 -17.24 -2.33 -30.67
N TYR B 517 -18.23 -3.19 -30.50
CA TYR B 517 -19.28 -3.00 -29.52
C TYR B 517 -19.52 -4.28 -28.70
N ASN B 518 -19.66 -4.14 -27.38
CA ASN B 518 -19.93 -5.30 -26.52
CA ASN B 518 -19.95 -5.27 -26.50
C ASN B 518 -21.33 -5.87 -26.74
N SER B 519 -22.29 -5.04 -27.12
CA SER B 519 -23.64 -5.56 -27.31
C SER B 519 -23.66 -6.43 -28.55
N GLN B 520 -23.03 -5.99 -29.64
CA GLN B 520 -22.92 -6.84 -30.81
C GLN B 520 -22.17 -8.13 -30.47
N ASN B 521 -21.18 -8.05 -29.57
CA ASN B 521 -20.46 -9.26 -29.15
C ASN B 521 -21.37 -10.21 -28.39
N ALA B 522 -22.24 -9.68 -27.53
CA ALA B 522 -23.14 -10.52 -26.75
C ALA B 522 -24.17 -11.21 -27.65
N VAL B 523 -24.67 -10.50 -28.66
CA VAL B 523 -25.62 -11.12 -29.58
C VAL B 523 -24.92 -12.20 -30.40
N ALA B 524 -23.70 -11.90 -30.87
CA ALA B 524 -22.96 -12.87 -31.65
C ALA B 524 -22.57 -14.10 -30.84
N SER B 525 -22.33 -13.92 -29.54
CA SER B 525 -21.98 -15.06 -28.69
C SER B 525 -23.13 -16.06 -28.62
N LYS B 526 -24.36 -15.58 -28.54
CA LYS B 526 -25.50 -16.48 -28.45
C LYS B 526 -25.84 -17.11 -29.80
N ILE B 527 -25.76 -16.33 -30.88
CA ILE B 527 -26.19 -16.82 -32.19
C ILE B 527 -25.11 -17.69 -32.83
N LEU B 528 -23.86 -17.26 -32.80
CA LEU B 528 -22.79 -17.97 -33.49
C LEU B 528 -22.02 -18.92 -32.59
N GLY B 529 -22.02 -18.70 -31.28
CA GLY B 529 -21.31 -19.55 -30.36
C GLY B 529 -19.81 -19.45 -30.44
N LEU B 530 -19.28 -18.36 -30.97
CA LEU B 530 -17.84 -18.19 -31.02
C LEU B 530 -17.38 -17.40 -29.81
N PRO B 531 -16.12 -17.58 -29.39
CA PRO B 531 -15.56 -16.65 -28.42
C PRO B 531 -15.57 -15.24 -28.99
N THR B 532 -15.83 -14.27 -28.11
CA THR B 532 -16.07 -12.89 -28.52
C THR B 532 -15.12 -11.99 -27.75
N GLN B 533 -14.73 -10.90 -28.39
CA GLN B 533 -13.86 -9.92 -27.77
C GLN B 533 -14.06 -8.58 -28.45
N THR B 534 -14.00 -7.51 -27.66
CA THR B 534 -13.97 -6.19 -28.27
C THR B 534 -12.57 -5.95 -28.81
N VAL B 535 -12.49 -5.03 -29.78
CA VAL B 535 -11.20 -4.67 -30.36
C VAL B 535 -10.24 -4.18 -29.27
N ASP B 536 -10.73 -3.34 -28.37
CA ASP B 536 -9.87 -2.76 -27.34
C ASP B 536 -9.33 -3.83 -26.40
N SER B 537 -10.15 -4.84 -26.09
CA SER B 537 -9.68 -5.90 -25.20
C SER B 537 -8.90 -7.00 -25.91
N SER B 538 -8.89 -7.02 -27.25
CA SER B 538 -8.11 -8.00 -27.99
C SER B 538 -6.67 -7.58 -28.22
N GLN B 539 -6.33 -6.33 -27.96
CA GLN B 539 -4.97 -5.84 -28.15
C GLN B 539 -3.98 -6.68 -27.34
N GLY B 540 -2.91 -7.11 -28.00
CA GLY B 540 -1.92 -7.98 -27.40
C GLY B 540 -2.18 -9.46 -27.60
N SER B 541 -3.35 -9.85 -28.05
CA SER B 541 -3.69 -11.25 -28.29
C SER B 541 -3.57 -11.57 -29.78
N GLU B 542 -3.52 -12.86 -30.08
CA GLU B 542 -3.47 -13.33 -31.47
C GLU B 542 -4.27 -14.63 -31.59
N TYR B 543 -4.94 -14.78 -32.73
CA TYR B 543 -5.78 -15.95 -32.98
C TYR B 543 -5.60 -16.38 -34.43
N ASP B 544 -5.82 -17.67 -34.69
CA ASP B 544 -5.65 -18.20 -36.03
C ASP B 544 -6.64 -17.57 -37.00
N TYR B 545 -7.91 -17.55 -36.62
CA TYR B 545 -8.99 -17.05 -37.46
C TYR B 545 -9.78 -15.99 -36.72
N VAL B 546 -10.08 -14.88 -37.40
CA VAL B 546 -10.82 -13.77 -36.82
C VAL B 546 -11.99 -13.45 -37.74
N ILE B 547 -13.16 -13.19 -37.14
CA ILE B 547 -14.32 -12.69 -37.87
C ILE B 547 -14.66 -11.34 -37.27
N PHE B 548 -14.70 -10.31 -38.11
CA PHE B 548 -14.89 -8.94 -37.66
C PHE B 548 -16.10 -8.33 -38.35
N THR B 549 -17.05 -7.82 -37.57
CA THR B 549 -18.15 -7.02 -38.09
C THR B 549 -17.99 -5.59 -37.59
N GLN B 550 -17.97 -4.62 -38.51
CA GLN B 550 -17.82 -3.23 -38.13
C GLN B 550 -19.04 -2.67 -37.42
N THR B 551 -20.21 -3.28 -37.61
CA THR B 551 -21.45 -2.92 -36.93
C THR B 551 -22.02 -1.56 -37.37
N THR B 552 -21.25 -0.50 -37.19
CA THR B 552 -21.67 0.87 -37.52
C THR B 552 -20.58 1.57 -38.35
N GLU B 553 -20.89 2.79 -38.77
CA GLU B 553 -19.92 3.67 -39.42
C GLU B 553 -19.70 4.90 -38.56
N THR B 554 -19.42 4.72 -37.28
CA THR B 554 -19.19 5.86 -36.40
C THR B 554 -17.69 6.17 -36.39
N ALA B 555 -17.35 7.28 -35.74
CA ALA B 555 -15.94 7.57 -35.53
C ALA B 555 -15.30 6.49 -34.68
N HIS B 556 -16.06 5.91 -33.76
CA HIS B 556 -15.54 4.81 -32.93
C HIS B 556 -15.23 3.58 -33.78
N SER B 557 -16.16 3.19 -34.66
CA SER B 557 -15.97 1.99 -35.46
C SER B 557 -15.08 2.20 -36.67
N CYS B 558 -14.78 3.45 -37.03
CA CYS B 558 -13.92 3.77 -38.15
C CYS B 558 -12.54 4.26 -37.73
N ASN B 559 -12.26 4.30 -36.43
CA ASN B 559 -10.95 4.75 -35.95
C ASN B 559 -9.84 3.88 -36.53
N VAL B 560 -8.86 4.52 -37.17
CA VAL B 560 -7.83 3.77 -37.89
C VAL B 560 -6.98 2.95 -36.93
N ASN B 561 -6.75 3.44 -35.71
CA ASN B 561 -5.99 2.65 -34.73
C ASN B 561 -6.77 1.42 -34.31
N ARG B 562 -8.05 1.59 -33.99
CA ARG B 562 -8.91 0.47 -33.65
C ARG B 562 -8.97 -0.54 -34.79
N PHE B 563 -9.16 -0.07 -36.01
CA PHE B 563 -9.20 -0.99 -37.15
C PHE B 563 -7.87 -1.71 -37.33
N ASN B 564 -6.76 -0.99 -37.17
CA ASN B 564 -5.44 -1.60 -37.29
C ASN B 564 -5.26 -2.73 -36.28
N VAL B 565 -5.67 -2.51 -35.03
CA VAL B 565 -5.59 -3.56 -34.02
C VAL B 565 -6.48 -4.74 -34.39
N ALA B 566 -7.70 -4.44 -34.84
CA ALA B 566 -8.70 -5.48 -35.09
C ALA B 566 -8.21 -6.52 -36.08
N ILE B 567 -7.69 -6.07 -37.23
CA ILE B 567 -7.35 -7.00 -38.31
C ILE B 567 -5.97 -7.61 -38.19
N THR B 568 -5.12 -7.10 -37.30
CA THR B 568 -3.81 -7.70 -37.05
C THR B 568 -3.83 -8.72 -35.92
N ARG B 569 -5.02 -9.21 -35.54
CA ARG B 569 -5.11 -10.30 -34.58
C ARG B 569 -5.01 -11.66 -35.24
N ALA B 570 -5.20 -11.72 -36.57
CA ALA B 570 -5.26 -12.99 -37.28
C ALA B 570 -3.88 -13.48 -37.65
N LYS B 571 -3.68 -14.80 -37.50
CA LYS B 571 -2.45 -15.46 -37.96
C LYS B 571 -2.61 -16.13 -39.31
N VAL B 572 -3.84 -16.53 -39.66
CA VAL B 572 -4.07 -17.33 -40.86
C VAL B 572 -5.12 -16.69 -41.75
N GLY B 573 -6.32 -16.45 -41.22
CA GLY B 573 -7.40 -15.92 -42.02
C GLY B 573 -8.23 -14.92 -41.24
N ILE B 574 -8.89 -14.05 -41.99
CA ILE B 574 -9.80 -13.05 -41.42
C ILE B 574 -10.96 -12.83 -42.38
N LEU B 575 -12.15 -12.60 -41.83
CA LEU B 575 -13.32 -12.17 -42.59
C LEU B 575 -13.80 -10.86 -42.00
N CYS B 576 -13.94 -9.84 -42.85
CA CYS B 576 -14.35 -8.51 -42.42
C CYS B 576 -15.69 -8.17 -43.07
N ILE B 577 -16.73 -8.00 -42.24
CA ILE B 577 -17.99 -7.45 -42.71
C ILE B 577 -17.93 -5.95 -42.46
N MET B 578 -17.86 -5.17 -43.53
CA MET B 578 -17.56 -3.75 -43.45
C MET B 578 -18.85 -2.94 -43.59
N SER B 579 -18.93 -1.83 -42.85
CA SER B 579 -19.96 -0.83 -43.04
C SER B 579 -19.45 0.44 -43.70
N ASP B 580 -18.15 0.72 -43.57
CA ASP B 580 -17.53 1.91 -44.10
C ASP B 580 -16.84 1.61 -45.41
N ARG B 581 -17.29 2.29 -46.46
CA ARG B 581 -16.76 2.13 -47.81
C ARG B 581 -15.27 2.48 -47.82
N ASP B 582 -14.88 3.52 -47.06
CA ASP B 582 -13.46 3.94 -46.99
C ASP B 582 -12.58 2.80 -46.49
N LEU B 583 -12.83 2.29 -45.29
CA LEU B 583 -11.98 1.23 -44.77
C LEU B 583 -12.13 -0.06 -45.59
N TYR B 584 -13.31 -0.29 -46.18
CA TYR B 584 -13.51 -1.46 -47.04
C TYR B 584 -12.59 -1.41 -48.25
N ASP B 585 -12.47 -0.24 -48.89
CA ASP B 585 -11.63 -0.14 -50.08
C ASP B 585 -10.15 -0.26 -49.73
N LYS B 586 -9.75 0.17 -48.53
CA LYS B 586 -8.35 0.04 -48.14
C LYS B 586 -7.96 -1.40 -47.80
N LEU B 587 -8.92 -2.28 -47.57
CA LEU B 587 -8.63 -3.68 -47.29
C LEU B 587 -8.15 -4.40 -48.54
N GLN B 588 -6.92 -4.92 -48.50
CA GLN B 588 -6.35 -5.68 -49.61
C GLN B 588 -6.74 -7.16 -49.52
N PHE B 589 -8.04 -7.40 -49.39
CA PHE B 589 -8.63 -8.72 -49.22
C PHE B 589 -9.43 -9.11 -50.45
N THR B 590 -9.78 -10.38 -50.51
CA THR B 590 -10.66 -10.86 -51.57
C THR B 590 -12.09 -10.49 -51.19
N SER B 591 -12.81 -9.90 -52.14
CA SER B 591 -14.17 -9.46 -51.90
C SER B 591 -15.15 -10.61 -52.12
N LEU B 592 -16.14 -10.66 -51.24
CA LEU B 592 -17.20 -11.64 -51.20
C LEU B 592 -18.52 -10.93 -51.45
N GLU B 593 -19.45 -11.57 -52.15
CA GLU B 593 -20.71 -10.92 -52.44
C GLU B 593 -21.72 -11.42 -51.43
N ILE B 594 -22.62 -10.52 -51.06
CA ILE B 594 -23.75 -10.82 -50.20
C ILE B 594 -24.56 -11.99 -50.74
N PRO B 595 -24.77 -13.04 -49.92
CA PRO B 595 -25.54 -14.24 -50.28
C PRO B 595 -27.02 -13.90 -50.46
ZN ZN C . 37.13 -31.29 -1.66
ZN ZN D . 26.30 -16.86 11.22
ZN ZN E . 33.65 -6.37 11.35
P PO4 F . -4.54 9.06 29.47
O1 PO4 F . -4.58 9.27 27.97
O2 PO4 F . -3.15 9.37 29.98
O3 PO4 F . -5.54 9.97 30.14
O4 PO4 F . -4.88 7.62 29.80
P PO4 G . -3.72 4.08 30.00
O1 PO4 G . -2.54 4.80 30.60
O2 PO4 G . -3.33 2.65 29.72
O3 PO4 G . -4.89 4.11 30.96
O4 PO4 G . -4.10 4.76 28.70
S1 MPO H . -4.75 -16.69 28.13
O1 MPO H . -5.30 -17.04 26.83
O2 MPO H . -5.07 -15.38 28.61
O4 MPO H . 1.67 -19.03 30.27
N1 MPO H . -0.09 -16.79 30.49
C1 MPO H . -3.00 -16.80 27.98
O3 MPO H . -5.13 -17.72 29.12
C2 MPO H . -2.31 -16.72 29.34
C3 MPO H . -0.80 -16.79 29.19
C4 MPO H . -0.31 -18.05 31.22
C5 MPO H . 0.28 -19.20 30.48
C6 MPO H . 1.90 -17.82 29.55
C7 MPO H . 1.35 -16.63 30.28
ZN ZN I . -8.49 27.93 -9.91
ZN ZN J . 3.36 32.40 -10.26
ZN ZN K . -18.69 40.31 5.36
P PO4 L . 4.61 -8.65 -30.48
O1 PO4 L . 5.34 -7.48 -31.08
O2 PO4 L . 5.03 -8.83 -29.04
O3 PO4 L . 3.12 -8.39 -30.53
O4 PO4 L . 4.93 -9.90 -31.27
P PO4 M . 0.37 -6.29 -30.67
O1 PO4 M . 1.39 -5.35 -31.25
O2 PO4 M . 0.97 -6.97 -29.44
O3 PO4 M . -0.87 -5.52 -30.27
O4 PO4 M . -0.01 -7.34 -31.68
S1 MPO N . -19.26 -0.35 -26.02
O1 MPO N . -20.29 -0.62 -27.00
O2 MPO N . -19.64 -0.55 -24.64
O4 MPO N . -18.63 5.94 -29.43
N1 MPO N . -18.85 4.16 -27.26
C1 MPO N . -18.82 1.36 -26.18
O3 MPO N . -18.05 -1.09 -26.36
C2 MPO N . -18.51 1.71 -27.63
C3 MPO N . -17.95 3.12 -27.75
C4 MPO N . -19.98 4.34 -28.18
C5 MPO N . -19.47 4.79 -29.53
C6 MPO N . -18.67 6.45 -28.10
C7 MPO N . -18.14 5.45 -27.10
#